data_7ETY
#
_entry.id   7ETY
#
_cell.length_a   89.740
_cell.length_b   98.163
_cell.length_c   116.124
_cell.angle_alpha   90.000
_cell.angle_beta   90.000
_cell.angle_gamma   90.000
#
_symmetry.space_group_name_H-M   'P 21 21 21'
#
loop_
_entity.id
_entity.type
_entity.pdbx_description
1 polymer 'Tryptophan biosynthesis protein TrpCF'
2 non-polymer 1-(O-CARBOXY-PHENYLAMINO)-1-DEOXY-D-RIBULOSE-5-PHOSPHATE
3 non-polymer GLYCEROL
4 water water
#
_entity_poly.entity_id   1
_entity_poly.type   'polypeptide(L)'
_entity_poly.pdbx_seq_one_letter_code
;MTSNNLPTVLESIVEGRRGHLEEIRARIAHVDVDALPKSTRSLFDSLNQGRGGARFIMECKSASPSLGMIREHYQPGEIA
RVYSRYASGISVLCEPDRFGGDYDHLATVAATSHLPVLCKDFIIDPVQVHAARYFGADAILLMLSVLDDEEYAALAAEAA
RFDLDILTEVIDEEEVARAIKLGAKIFGVNHRNLHDLSIDLDRSRRLSKLIPADAVLVSESGVRDTETVRQLGGHSNAFL
VGSQLTSQENVDLAARELVYGPNKVCGLTSPSAAQTARAAGAVYGGLIFEEASPRNVSRETLQKIIAAEPNLRYVAVSRR
TSGYKDLLVDGIFAVQIHAPLQDSVEAEKALIAAVREEVGPQVQVWRAISMSSPLGAEVAAAVEGDVDKLILDAHEGGSG
EVFDWATVPAAVKAKSLLAGGISPDNAAQALAVGCAGLDINSGVEYPAGAGTWAGAKDAGALLKIFATISTFHYLEHHHH
HH
;
_entity_poly.pdbx_strand_id   A,B
#
# COMPACT_ATOMS: atom_id res chain seq x y z
N LEU A 6 10.21 19.58 -38.98
CA LEU A 6 10.01 20.95 -38.39
C LEU A 6 9.28 20.88 -37.05
N PRO A 7 8.20 20.07 -36.84
CA PRO A 7 7.49 20.04 -35.54
C PRO A 7 8.40 19.58 -34.39
N THR A 8 8.36 20.29 -33.26
CA THR A 8 9.05 19.88 -32.00
C THR A 8 8.35 18.64 -31.41
N VAL A 9 8.99 18.00 -30.44
CA VAL A 9 8.42 16.81 -29.74
C VAL A 9 7.06 17.22 -29.15
N LEU A 10 6.96 18.40 -28.52
CA LEU A 10 5.73 18.84 -27.81
C LEU A 10 4.66 19.10 -28.86
N GLU A 11 5.03 19.75 -29.96
CA GLU A 11 4.07 20.05 -31.07
C GLU A 11 3.60 18.73 -31.65
N SER A 12 4.48 17.76 -31.89
CA SER A 12 4.03 16.43 -32.36
C SER A 12 3.01 15.84 -31.38
N ILE A 13 3.34 15.85 -30.07
CA ILE A 13 2.46 15.21 -29.05
C ILE A 13 1.09 15.89 -29.09
N VAL A 14 1.05 17.21 -29.09
CA VAL A 14 -0.23 17.98 -29.01
C VAL A 14 -1.08 17.72 -30.25
N GLU A 15 -0.48 17.80 -31.44
CA GLU A 15 -1.21 17.56 -32.70
C GLU A 15 -1.69 16.12 -32.70
N GLY A 16 -0.89 15.16 -32.21
CA GLY A 16 -1.35 13.76 -32.04
C GLY A 16 -2.57 13.69 -31.14
N ARG A 17 -2.55 14.41 -30.03
CA ARG A 17 -3.65 14.40 -29.03
C ARG A 17 -4.92 15.00 -29.66
N ARG A 18 -4.76 16.05 -30.47
CA ARG A 18 -5.89 16.70 -31.19
C ARG A 18 -6.63 15.63 -32.03
N GLY A 19 -5.87 14.74 -32.65
CA GLY A 19 -6.41 13.66 -33.48
C GLY A 19 -7.09 12.60 -32.63
N HIS A 20 -6.91 12.60 -31.31
CA HIS A 20 -7.61 11.65 -30.41
C HIS A 20 -8.99 12.20 -29.97
N LEU A 21 -9.26 13.49 -30.12
CA LEU A 21 -10.43 14.12 -29.43
C LEU A 21 -11.74 13.47 -29.87
N GLU A 22 -11.92 13.15 -31.15
CA GLU A 22 -13.17 12.53 -31.62
C GLU A 22 -13.35 11.17 -30.92
N GLU A 23 -12.30 10.37 -30.80
CA GLU A 23 -12.40 9.04 -30.12
C GLU A 23 -12.77 9.26 -28.65
N ILE A 24 -12.24 10.30 -27.98
CA ILE A 24 -12.52 10.54 -26.54
C ILE A 24 -13.99 10.96 -26.41
N ARG A 25 -14.47 11.83 -27.32
CA ARG A 25 -15.89 12.31 -27.33
C ARG A 25 -16.81 11.10 -27.47
N ALA A 26 -16.48 10.17 -28.37
CA ALA A 26 -17.31 8.96 -28.57
C ALA A 26 -17.21 8.05 -27.33
N ARG A 27 -16.02 7.89 -26.77
CA ARG A 27 -15.76 7.02 -25.58
C ARG A 27 -16.65 7.40 -24.41
N ILE A 28 -16.89 8.68 -24.16
CA ILE A 28 -17.71 9.15 -22.99
C ILE A 28 -19.03 9.79 -23.43
N ALA A 29 -19.53 9.52 -24.63
CA ALA A 29 -20.77 10.14 -25.19
C ALA A 29 -21.99 9.77 -24.32
N HIS A 30 -21.92 8.64 -23.62
CA HIS A 30 -23.01 8.07 -22.76
C HIS A 30 -22.98 8.67 -21.36
N VAL A 31 -21.93 9.39 -21.01
CA VAL A 31 -21.73 9.99 -19.65
C VAL A 31 -22.49 11.32 -19.56
N ASP A 32 -23.26 11.50 -18.47
CA ASP A 32 -23.95 12.75 -18.13
C ASP A 32 -22.95 13.62 -17.39
N VAL A 33 -22.29 14.50 -18.11
CA VAL A 33 -21.14 15.30 -17.59
C VAL A 33 -21.60 16.18 -16.42
N ASP A 34 -22.82 16.76 -16.47
CA ASP A 34 -23.30 17.72 -15.43
C ASP A 34 -23.50 16.98 -14.10
N ALA A 35 -23.72 15.65 -14.10
CA ALA A 35 -23.98 14.83 -12.90
C ALA A 35 -22.70 14.16 -12.36
N LEU A 36 -21.55 14.46 -12.94
CA LEU A 36 -20.30 13.79 -12.49
C LEU A 36 -20.06 14.11 -11.03
N PRO A 37 -19.74 13.10 -10.21
CA PRO A 37 -19.34 13.35 -8.82
C PRO A 37 -18.12 14.28 -8.82
N LYS A 38 -18.03 15.15 -7.82
CA LYS A 38 -16.86 16.06 -7.63
C LYS A 38 -15.73 15.24 -7.04
N SER A 39 -14.48 15.65 -7.26
CA SER A 39 -13.26 15.16 -6.55
C SER A 39 -13.37 15.58 -5.08
N THR A 40 -12.95 14.71 -4.16
CA THR A 40 -12.97 14.96 -2.69
C THR A 40 -11.54 14.88 -2.13
N ARG A 41 -10.52 14.86 -2.99
CA ARG A 41 -9.12 14.75 -2.51
C ARG A 41 -8.38 15.97 -3.02
N SER A 42 -7.78 16.74 -2.14
CA SER A 42 -7.11 18.01 -2.50
C SER A 42 -5.61 17.75 -2.70
N LEU A 43 -5.14 17.85 -3.93
CA LEU A 43 -3.67 17.78 -4.20
C LEU A 43 -3.00 19.02 -3.62
N PHE A 44 -3.64 20.19 -3.66
CA PHE A 44 -3.07 21.42 -3.06
C PHE A 44 -2.73 21.19 -1.57
N ASP A 45 -3.71 20.73 -0.76
CA ASP A 45 -3.51 20.59 0.70
C ASP A 45 -2.47 19.52 0.99
N SER A 46 -2.41 18.49 0.16
CA SER A 46 -1.37 17.44 0.24
C SER A 46 0.03 18.02 -0.05
N LEU A 47 0.19 18.96 -0.98
CA LEU A 47 1.52 19.49 -1.34
C LEU A 47 1.92 20.72 -0.52
N ASN A 48 1.01 21.28 0.26
CA ASN A 48 1.12 22.64 0.86
C ASN A 48 1.69 22.51 2.27
N GLN A 49 2.92 22.00 2.38
CA GLN A 49 3.60 21.61 3.64
C GLN A 49 4.94 22.33 3.75
N GLY A 50 5.11 23.46 3.07
CA GLY A 50 6.31 24.31 3.14
C GLY A 50 7.37 23.94 2.12
N ARG A 51 8.12 24.97 1.72
CA ARG A 51 9.39 24.78 0.98
C ARG A 51 10.33 23.97 1.87
N GLY A 52 10.91 22.88 1.35
CA GLY A 52 11.71 21.92 2.13
C GLY A 52 10.90 20.70 2.58
N GLY A 53 9.60 20.68 2.32
CA GLY A 53 8.67 19.64 2.81
C GLY A 53 8.84 18.30 2.11
N ALA A 54 9.54 18.25 0.97
CA ALA A 54 9.88 17.00 0.26
C ALA A 54 8.65 16.09 0.10
N ARG A 55 7.55 16.61 -0.39
CA ARG A 55 6.40 15.77 -0.81
C ARG A 55 6.72 15.21 -2.22
N PHE A 56 6.39 13.96 -2.50
CA PHE A 56 6.63 13.37 -3.83
C PHE A 56 5.28 13.17 -4.49
N ILE A 57 5.20 13.60 -5.74
CA ILE A 57 4.19 13.09 -6.70
C ILE A 57 4.93 12.03 -7.51
N MET A 58 4.54 10.77 -7.32
CA MET A 58 5.15 9.64 -8.02
C MET A 58 4.27 9.31 -9.24
N GLU A 59 4.89 9.02 -10.37
CA GLU A 59 4.20 8.91 -11.68
C GLU A 59 4.23 7.47 -12.19
N CYS A 60 3.05 6.95 -12.54
CA CYS A 60 2.85 5.73 -13.32
C CYS A 60 3.00 6.10 -14.80
N LYS A 61 4.08 5.60 -15.36
CA LYS A 61 4.54 5.91 -16.74
C LYS A 61 5.26 4.66 -17.21
N SER A 62 4.81 4.08 -18.31
CA SER A 62 5.36 2.83 -18.89
C SER A 62 6.31 3.14 -20.05
N ALA A 63 6.27 4.36 -20.60
CA ALA A 63 7.07 4.76 -21.78
C ALA A 63 7.11 6.28 -21.92
N SER A 64 8.13 6.80 -22.59
CA SER A 64 8.28 8.25 -22.89
C SER A 64 9.07 8.47 -24.17
N PRO A 65 8.88 9.64 -24.84
CA PRO A 65 9.72 10.03 -25.99
C PRO A 65 11.22 10.00 -25.69
N SER A 66 11.65 10.32 -24.47
CA SER A 66 13.10 10.43 -24.18
C SER A 66 13.73 9.07 -23.84
N LEU A 67 12.96 8.07 -23.38
CA LEU A 67 13.50 6.79 -22.84
C LEU A 67 12.98 5.60 -23.64
N GLY A 68 11.93 5.79 -24.40
CA GLY A 68 11.21 4.69 -25.06
C GLY A 68 10.41 3.90 -24.04
N MET A 69 10.29 2.62 -24.31
CA MET A 69 9.62 1.64 -23.42
C MET A 69 10.40 1.60 -22.10
N ILE A 70 9.78 1.95 -20.97
CA ILE A 70 10.42 1.97 -19.62
C ILE A 70 10.05 0.68 -18.90
N ARG A 71 8.77 0.31 -18.92
CA ARG A 71 8.29 -0.83 -18.12
C ARG A 71 7.27 -1.63 -18.94
N GLU A 72 7.74 -2.69 -19.58
CA GLU A 72 6.91 -3.49 -20.54
C GLU A 72 5.76 -4.16 -19.80
N HIS A 73 6.06 -4.78 -18.66
CA HIS A 73 5.05 -5.51 -17.85
C HIS A 73 4.46 -4.51 -16.85
N TYR A 74 3.40 -3.86 -17.26
CA TYR A 74 2.89 -2.60 -16.65
C TYR A 74 1.67 -2.93 -15.82
N GLN A 75 1.81 -2.80 -14.49
CA GLN A 75 0.72 -3.06 -13.51
C GLN A 75 0.50 -1.79 -12.70
N PRO A 76 -0.23 -0.79 -13.24
CA PRO A 76 -0.32 0.51 -12.58
C PRO A 76 -0.86 0.42 -11.15
N GLY A 77 -1.73 -0.56 -10.87
CA GLY A 77 -2.32 -0.82 -9.55
C GLY A 77 -1.29 -1.36 -8.56
N GLU A 78 -0.33 -2.17 -8.99
CA GLU A 78 0.78 -2.66 -8.13
C GLU A 78 1.74 -1.49 -7.87
N ILE A 79 2.00 -0.65 -8.87
CA ILE A 79 2.88 0.55 -8.73
C ILE A 79 2.20 1.52 -7.76
N ALA A 80 0.90 1.74 -7.92
CA ALA A 80 0.13 2.67 -7.07
C ALA A 80 0.15 2.21 -5.60
N ARG A 81 0.09 0.91 -5.33
CA ARG A 81 0.17 0.38 -3.94
C ARG A 81 1.52 0.79 -3.33
N VAL A 82 2.62 0.59 -4.05
CA VAL A 82 3.97 1.06 -3.62
C VAL A 82 3.96 2.57 -3.41
N TYR A 83 3.45 3.33 -4.36
CA TYR A 83 3.48 4.81 -4.28
C TYR A 83 2.67 5.27 -3.06
N SER A 84 1.63 4.54 -2.68
CA SER A 84 0.74 4.92 -1.54
C SER A 84 1.51 4.93 -0.21
N ARG A 85 2.67 4.27 -0.10
CA ARG A 85 3.55 4.36 1.10
C ARG A 85 4.34 5.69 1.11
N TYR A 86 4.84 6.18 -0.02
CA TYR A 86 5.86 7.28 -0.06
C TYR A 86 5.28 8.62 -0.55
N ALA A 87 4.25 8.58 -1.39
CA ALA A 87 3.88 9.77 -2.20
C ALA A 87 2.80 10.61 -1.49
N SER A 88 2.68 11.87 -1.90
CA SER A 88 1.60 12.81 -1.49
C SER A 88 0.61 13.03 -2.64
N GLY A 89 0.84 12.38 -3.78
CA GLY A 89 -0.03 12.45 -4.97
C GLY A 89 0.47 11.44 -5.97
N ILE A 90 -0.40 10.90 -6.83
CA ILE A 90 0.05 10.00 -7.93
C ILE A 90 -0.35 10.61 -9.26
N SER A 91 0.63 10.74 -10.12
CA SER A 91 0.52 11.17 -11.53
C SER A 91 0.38 9.92 -12.43
N VAL A 92 -0.55 9.93 -13.35
CA VAL A 92 -0.81 8.79 -14.27
C VAL A 92 -0.82 9.32 -15.69
N LEU A 93 0.08 8.85 -16.53
CA LEU A 93 0.08 9.25 -17.98
C LEU A 93 -1.19 8.69 -18.61
N CYS A 94 -2.01 9.55 -19.21
CA CYS A 94 -3.29 9.18 -19.87
C CYS A 94 -3.05 9.22 -21.41
N GLU A 95 -1.89 9.71 -21.88
CA GLU A 95 -1.60 9.87 -23.35
C GLU A 95 -1.16 8.54 -23.96
N PRO A 96 -1.88 8.03 -24.98
CA PRO A 96 -1.59 6.69 -25.50
C PRO A 96 -0.47 6.46 -26.53
N ASP A 97 -0.12 7.41 -27.39
CA ASP A 97 0.73 7.10 -28.57
C ASP A 97 2.23 7.23 -28.20
N ARG A 98 2.56 8.08 -27.25
CA ARG A 98 3.97 8.41 -26.87
C ARG A 98 4.28 7.91 -25.45
N PHE A 99 3.29 7.63 -24.61
CA PHE A 99 3.51 7.32 -23.17
C PHE A 99 2.87 5.99 -22.72
N GLY A 100 2.30 5.23 -23.63
CA GLY A 100 1.72 3.92 -23.28
C GLY A 100 0.50 4.05 -22.38
N GLY A 101 -0.08 5.24 -22.28
CA GLY A 101 -1.10 5.56 -21.25
C GLY A 101 -2.51 5.32 -21.74
N ASP A 102 -3.46 5.25 -20.81
CA ASP A 102 -4.92 5.18 -21.07
C ASP A 102 -5.66 5.63 -19.83
N TYR A 103 -6.93 6.04 -19.99
CA TYR A 103 -7.88 6.35 -18.89
C TYR A 103 -8.09 5.12 -17.96
N ASP A 104 -7.99 3.88 -18.46
CA ASP A 104 -8.10 2.67 -17.62
C ASP A 104 -7.00 2.67 -16.55
N HIS A 105 -5.80 3.14 -16.86
CA HIS A 105 -4.68 3.26 -15.89
C HIS A 105 -5.05 4.25 -14.80
N LEU A 106 -5.65 5.35 -15.18
CA LEU A 106 -6.08 6.41 -14.22
C LEU A 106 -7.11 5.82 -13.24
N ALA A 107 -8.13 5.12 -13.74
CA ALA A 107 -9.19 4.49 -12.92
C ALA A 107 -8.56 3.44 -12.00
N THR A 108 -7.64 2.63 -12.50
CA THR A 108 -6.97 1.56 -11.73
C THR A 108 -6.27 2.23 -10.56
N VAL A 109 -5.51 3.29 -10.80
CA VAL A 109 -4.79 4.04 -9.74
C VAL A 109 -5.81 4.68 -8.77
N ALA A 110 -6.87 5.31 -9.28
CA ALA A 110 -7.86 5.99 -8.43
C ALA A 110 -8.51 5.00 -7.46
N ALA A 111 -8.82 3.80 -7.92
CA ALA A 111 -9.49 2.80 -7.05
C ALA A 111 -8.47 2.16 -6.10
N THR A 112 -7.17 2.16 -6.45
CA THR A 112 -6.14 1.46 -5.66
C THR A 112 -5.63 2.32 -4.52
N SER A 113 -5.47 3.63 -4.73
CA SER A 113 -4.76 4.54 -3.79
C SER A 113 -5.73 5.48 -3.10
N HIS A 114 -5.34 5.93 -1.93
CA HIS A 114 -6.05 6.93 -1.09
C HIS A 114 -5.61 8.34 -1.50
N LEU A 115 -4.50 8.46 -2.24
CA LEU A 115 -3.88 9.76 -2.56
C LEU A 115 -4.69 10.49 -3.63
N PRO A 116 -4.53 11.82 -3.70
CA PRO A 116 -5.03 12.60 -4.84
C PRO A 116 -4.33 12.12 -6.13
N VAL A 117 -5.11 11.91 -7.20
CA VAL A 117 -4.62 11.37 -8.49
C VAL A 117 -4.65 12.47 -9.56
N LEU A 118 -3.53 12.65 -10.23
CA LEU A 118 -3.31 13.67 -11.28
C LEU A 118 -3.31 12.97 -12.64
N CYS A 119 -4.24 13.41 -13.50
CA CYS A 119 -4.24 13.05 -14.94
C CYS A 119 -3.15 13.90 -15.61
N LYS A 120 -2.10 13.22 -16.04
CA LYS A 120 -0.95 13.77 -16.77
C LYS A 120 -1.23 13.52 -18.25
N ASP A 121 -1.66 14.58 -18.90
CA ASP A 121 -2.16 14.52 -20.29
C ASP A 121 -1.80 15.87 -20.88
N PHE A 122 -1.93 15.98 -22.19
CA PHE A 122 -1.75 17.25 -22.93
C PHE A 122 -3.16 17.76 -23.21
N ILE A 123 -3.66 18.59 -22.31
CA ILE A 123 -5.10 18.95 -22.28
C ILE A 123 -5.33 20.20 -23.11
N ILE A 124 -6.20 20.04 -24.09
CA ILE A 124 -6.53 21.17 -25.01
C ILE A 124 -8.03 21.31 -25.21
N ASP A 125 -8.87 20.48 -24.58
CA ASP A 125 -10.32 20.48 -24.88
C ASP A 125 -11.07 20.05 -23.64
N PRO A 126 -12.23 20.68 -23.33
CA PRO A 126 -13.03 20.31 -22.16
C PRO A 126 -13.25 18.80 -22.04
N VAL A 127 -13.42 18.08 -23.15
CA VAL A 127 -13.75 16.62 -23.10
C VAL A 127 -12.69 15.88 -22.25
N GLN A 128 -11.43 16.31 -22.31
CA GLN A 128 -10.31 15.68 -21.57
C GLN A 128 -10.48 15.90 -20.04
N VAL A 129 -11.05 17.03 -19.65
CA VAL A 129 -11.34 17.35 -18.22
C VAL A 129 -12.49 16.43 -17.77
N HIS A 130 -13.53 16.33 -18.59
CA HIS A 130 -14.68 15.47 -18.30
C HIS A 130 -14.17 14.03 -18.14
N ALA A 131 -13.39 13.54 -19.11
CA ALA A 131 -12.83 12.17 -19.09
C ALA A 131 -12.03 12.01 -17.79
N ALA A 132 -11.18 12.97 -17.45
CA ALA A 132 -10.29 12.88 -16.28
C ALA A 132 -11.19 12.60 -15.07
N ARG A 133 -12.22 13.41 -14.86
CA ARG A 133 -13.09 13.27 -13.67
C ARG A 133 -13.83 11.93 -13.71
N TYR A 134 -14.44 11.54 -14.83
CA TYR A 134 -15.19 10.25 -14.97
C TYR A 134 -14.28 9.04 -14.63
N PHE A 135 -12.99 9.13 -14.90
CA PHE A 135 -12.07 7.97 -14.70
C PHE A 135 -11.28 8.11 -13.38
N GLY A 136 -11.55 9.11 -12.54
CA GLY A 136 -11.13 9.10 -11.12
C GLY A 136 -10.13 10.20 -10.75
N ALA A 137 -9.76 11.12 -11.63
CA ALA A 137 -8.72 12.13 -11.33
C ALA A 137 -9.28 13.14 -10.29
N ASP A 138 -8.38 13.61 -9.46
CA ASP A 138 -8.55 14.71 -8.50
C ASP A 138 -7.90 16.01 -9.01
N ALA A 139 -7.04 15.92 -10.01
CA ALA A 139 -6.26 17.07 -10.53
C ALA A 139 -5.94 16.83 -12.01
N ILE A 140 -5.73 17.91 -12.74
CA ILE A 140 -5.29 17.88 -14.15
C ILE A 140 -4.06 18.77 -14.28
N LEU A 141 -3.25 18.50 -15.30
CA LEU A 141 -2.12 19.35 -15.71
C LEU A 141 -2.63 20.33 -16.77
N LEU A 142 -2.32 21.62 -16.64
CA LEU A 142 -2.56 22.60 -17.72
C LEU A 142 -1.22 23.28 -18.05
N MET A 143 -0.88 23.34 -19.33
CA MET A 143 0.49 23.75 -19.73
C MET A 143 0.40 25.12 -20.40
N LEU A 144 1.11 26.12 -19.88
CA LEU A 144 1.13 27.48 -20.45
C LEU A 144 1.96 27.53 -21.75
N SER A 145 2.73 26.48 -22.02
CA SER A 145 3.54 26.34 -23.27
C SER A 145 2.59 25.91 -24.41
N VAL A 146 1.42 25.39 -24.07
CA VAL A 146 0.43 24.92 -25.08
C VAL A 146 -0.78 25.85 -25.11
N LEU A 147 -1.17 26.47 -23.99
CA LEU A 147 -2.46 27.20 -23.89
C LEU A 147 -2.18 28.69 -23.81
N ASP A 148 -2.99 29.50 -24.48
CA ASP A 148 -2.99 30.96 -24.23
C ASP A 148 -3.86 31.21 -22.98
N ASP A 149 -3.91 32.46 -22.53
CA ASP A 149 -4.56 32.84 -21.25
C ASP A 149 -6.04 32.44 -21.29
N GLU A 150 -6.69 32.68 -22.44
CA GLU A 150 -8.15 32.47 -22.60
C GLU A 150 -8.44 30.97 -22.60
N GLU A 151 -7.58 30.18 -23.21
CA GLU A 151 -7.76 28.71 -23.30
C GLU A 151 -7.52 28.14 -21.89
N TYR A 152 -6.53 28.69 -21.20
CA TYR A 152 -6.19 28.28 -19.82
C TYR A 152 -7.42 28.54 -18.94
N ALA A 153 -7.95 29.76 -18.94
CA ALA A 153 -9.09 30.11 -18.06
C ALA A 153 -10.30 29.20 -18.35
N ALA A 154 -10.58 28.92 -19.61
CA ALA A 154 -11.75 28.10 -20.02
C ALA A 154 -11.56 26.68 -19.49
N LEU A 155 -10.37 26.12 -19.64
CA LEU A 155 -10.13 24.73 -19.14
C LEU A 155 -10.09 24.73 -17.60
N ALA A 156 -9.50 25.76 -16.98
CA ALA A 156 -9.43 25.89 -15.51
C ALA A 156 -10.85 25.98 -14.92
N ALA A 157 -11.75 26.68 -15.59
CA ALA A 157 -13.15 26.84 -15.14
C ALA A 157 -13.83 25.47 -15.26
N GLU A 158 -13.55 24.73 -16.33
CA GLU A 158 -14.11 23.38 -16.51
C GLU A 158 -13.60 22.49 -15.36
N ALA A 159 -12.34 22.58 -15.01
CA ALA A 159 -11.78 21.78 -13.90
C ALA A 159 -12.48 22.13 -12.58
N ALA A 160 -12.65 23.43 -12.33
CA ALA A 160 -13.28 24.00 -11.11
C ALA A 160 -14.70 23.46 -10.94
N ARG A 161 -15.43 23.17 -12.03
CA ARG A 161 -16.80 22.61 -12.02
C ARG A 161 -16.81 21.29 -11.25
N PHE A 162 -15.74 20.52 -11.34
CA PHE A 162 -15.66 19.16 -10.73
C PHE A 162 -14.70 19.11 -9.54
N ASP A 163 -14.25 20.26 -9.00
CA ASP A 163 -13.31 20.41 -7.85
C ASP A 163 -11.98 19.69 -8.15
N LEU A 164 -11.57 19.73 -9.41
CA LEU A 164 -10.25 19.27 -9.85
C LEU A 164 -9.22 20.38 -9.57
N ASP A 165 -8.16 20.05 -8.86
CA ASP A 165 -6.98 20.94 -8.68
C ASP A 165 -6.26 21.04 -10.03
N ILE A 166 -5.49 22.11 -10.22
CA ILE A 166 -4.67 22.30 -11.43
C ILE A 166 -3.19 22.37 -11.06
N LEU A 167 -2.40 21.54 -11.74
CA LEU A 167 -0.93 21.72 -11.80
C LEU A 167 -0.67 22.61 -13.02
N THR A 168 -0.20 23.84 -12.78
CA THR A 168 0.07 24.85 -13.83
C THR A 168 1.55 24.74 -14.22
N GLU A 169 1.82 24.20 -15.40
CA GLU A 169 3.21 23.92 -15.87
C GLU A 169 3.81 25.20 -16.46
N VAL A 170 4.95 25.62 -15.92
CA VAL A 170 5.74 26.77 -16.37
C VAL A 170 7.18 26.31 -16.68
N ILE A 171 7.77 26.84 -17.76
CA ILE A 171 9.16 26.53 -18.18
C ILE A 171 10.02 27.81 -18.26
N ASP A 172 9.47 29.01 -18.08
CA ASP A 172 10.23 30.29 -18.19
C ASP A 172 9.55 31.44 -17.48
N GLU A 173 10.24 32.58 -17.46
CA GLU A 173 9.92 33.80 -16.66
C GLU A 173 8.55 34.35 -17.11
N GLU A 174 8.25 34.28 -18.41
CA GLU A 174 6.98 34.78 -19.01
C GLU A 174 5.82 33.90 -18.58
N GLU A 175 6.01 32.57 -18.57
CA GLU A 175 4.96 31.62 -18.10
C GLU A 175 4.75 31.84 -16.59
N VAL A 176 5.79 32.12 -15.82
CA VAL A 176 5.61 32.39 -14.36
C VAL A 176 4.70 33.62 -14.20
N ALA A 177 4.98 34.70 -14.93
CA ALA A 177 4.21 35.94 -14.79
C ALA A 177 2.75 35.69 -15.24
N ARG A 178 2.52 34.90 -16.30
CA ARG A 178 1.14 34.54 -16.76
C ARG A 178 0.40 33.77 -15.66
N ALA A 179 1.07 32.79 -15.08
CA ALA A 179 0.51 31.90 -14.04
C ALA A 179 0.05 32.75 -12.86
N ILE A 180 0.83 33.78 -12.51
CA ILE A 180 0.57 34.66 -11.34
C ILE A 180 -0.71 35.46 -11.64
N LYS A 181 -0.75 36.07 -12.82
CA LYS A 181 -1.90 36.83 -13.37
C LYS A 181 -3.15 35.93 -13.41
N LEU A 182 -3.00 34.65 -13.77
CA LEU A 182 -4.17 33.74 -13.90
C LEU A 182 -4.57 33.15 -12.54
N GLY A 183 -3.83 33.42 -11.44
CA GLY A 183 -4.13 32.92 -10.09
C GLY A 183 -3.81 31.44 -9.91
N ALA A 184 -2.72 30.95 -10.51
CA ALA A 184 -2.26 29.56 -10.32
C ALA A 184 -1.94 29.37 -8.83
N LYS A 185 -2.29 28.24 -8.25
CA LYS A 185 -2.00 27.90 -6.83
C LYS A 185 -0.89 26.84 -6.75
N ILE A 186 -0.72 26.04 -7.80
CA ILE A 186 0.34 25.00 -7.86
C ILE A 186 1.17 25.27 -9.10
N PHE A 187 2.41 25.69 -8.93
CA PHE A 187 3.37 25.92 -10.05
C PHE A 187 4.21 24.66 -10.24
N GLY A 188 4.15 24.09 -11.44
CA GLY A 188 4.98 22.95 -11.86
C GLY A 188 6.11 23.43 -12.74
N VAL A 189 7.34 23.44 -12.21
CA VAL A 189 8.52 23.84 -13.00
C VAL A 189 9.07 22.60 -13.67
N ASN A 190 8.95 22.51 -15.00
CA ASN A 190 9.53 21.36 -15.74
C ASN A 190 11.01 21.63 -16.05
N HIS A 191 11.88 20.80 -15.52
CA HIS A 191 13.35 20.82 -15.78
C HIS A 191 13.61 20.39 -17.24
N ARG A 192 12.67 19.66 -17.83
CA ARG A 192 12.82 19.16 -19.20
C ARG A 192 12.24 20.20 -20.14
N ASN A 193 13.06 20.66 -21.07
CA ASN A 193 12.54 21.35 -22.27
C ASN A 193 11.82 20.32 -23.15
N LEU A 194 10.49 20.40 -23.23
CA LEU A 194 9.61 19.44 -23.93
C LEU A 194 9.63 19.61 -25.46
N HIS A 195 10.36 20.59 -26.02
CA HIS A 195 10.59 20.72 -27.49
C HIS A 195 11.79 19.88 -27.92
N ASP A 196 12.92 19.90 -27.20
CA ASP A 196 14.18 19.21 -27.58
C ASP A 196 14.64 18.17 -26.52
N LEU A 197 13.91 18.00 -25.42
CA LEU A 197 14.12 16.94 -24.37
C LEU A 197 15.43 17.13 -23.60
N SER A 198 16.07 18.28 -23.68
CA SER A 198 17.24 18.60 -22.83
C SER A 198 16.72 18.78 -21.38
N ILE A 199 17.56 18.51 -20.39
CA ILE A 199 17.21 18.68 -18.95
C ILE A 199 18.05 19.82 -18.35
N ASP A 200 17.40 20.74 -17.64
CA ASP A 200 18.10 21.77 -16.85
C ASP A 200 17.54 21.73 -15.42
N LEU A 201 18.18 20.96 -14.55
CA LEU A 201 17.84 20.81 -13.13
C LEU A 201 17.93 22.15 -12.40
N ASP A 202 18.69 23.11 -12.93
CA ASP A 202 18.81 24.47 -12.32
C ASP A 202 17.55 25.31 -12.59
N ARG A 203 16.62 24.84 -13.42
CA ARG A 203 15.48 25.71 -13.82
C ARG A 203 14.57 26.02 -12.62
N SER A 204 14.34 25.07 -11.73
CA SER A 204 13.44 25.26 -10.55
C SER A 204 14.06 26.27 -9.58
N ARG A 205 15.40 26.27 -9.37
CA ARG A 205 16.05 27.28 -8.48
C ARG A 205 15.84 28.68 -9.08
N ARG A 206 16.08 28.81 -10.38
CA ARG A 206 15.93 30.07 -11.14
C ARG A 206 14.49 30.57 -11.03
N LEU A 207 13.50 29.75 -11.38
CA LEU A 207 12.11 30.24 -11.43
C LEU A 207 11.55 30.42 -10.01
N SER A 208 12.11 29.76 -9.00
CA SER A 208 11.65 29.95 -7.60
C SER A 208 11.89 31.39 -7.15
N LYS A 209 12.80 32.11 -7.81
CA LYS A 209 13.07 33.53 -7.48
C LYS A 209 11.85 34.39 -7.87
N LEU A 210 11.03 33.96 -8.83
CA LEU A 210 9.90 34.74 -9.39
C LEU A 210 8.56 34.23 -8.87
N ILE A 211 8.47 32.94 -8.54
CA ILE A 211 7.20 32.29 -8.10
C ILE A 211 6.90 32.79 -6.69
N PRO A 212 5.65 33.13 -6.32
CA PRO A 212 5.40 33.68 -5.00
C PRO A 212 5.87 32.72 -3.90
N ALA A 213 6.49 33.28 -2.86
CA ALA A 213 6.95 32.62 -1.62
C ALA A 213 5.85 31.71 -1.02
N ASP A 214 4.58 32.10 -1.12
CA ASP A 214 3.43 31.42 -0.48
C ASP A 214 2.85 30.34 -1.40
N ALA A 215 3.25 30.27 -2.68
CA ALA A 215 2.65 29.34 -3.66
C ALA A 215 3.31 27.97 -3.53
N VAL A 216 2.58 26.93 -3.87
CA VAL A 216 3.15 25.56 -3.97
C VAL A 216 4.01 25.47 -5.23
N LEU A 217 5.28 25.11 -5.08
CA LEU A 217 6.25 24.89 -6.18
C LEU A 217 6.56 23.39 -6.29
N VAL A 218 6.28 22.81 -7.46
CA VAL A 218 6.60 21.40 -7.79
C VAL A 218 7.77 21.41 -8.79
N SER A 219 8.88 20.76 -8.43
CA SER A 219 10.05 20.56 -9.32
C SER A 219 9.87 19.23 -10.07
N GLU A 220 9.69 19.25 -11.40
CA GLU A 220 9.34 18.04 -12.21
C GLU A 220 10.51 17.63 -13.10
N SER A 221 10.73 16.31 -13.25
CA SER A 221 11.48 15.65 -14.36
C SER A 221 12.98 15.61 -14.04
N GLY A 222 13.65 14.53 -14.43
CA GLY A 222 15.12 14.42 -14.37
C GLY A 222 15.68 14.14 -12.99
N VAL A 223 14.84 13.96 -11.96
CA VAL A 223 15.36 13.70 -10.59
C VAL A 223 15.66 12.19 -10.49
N ARG A 224 16.94 11.84 -10.39
CA ARG A 224 17.41 10.42 -10.41
C ARG A 224 17.92 9.94 -9.04
N ASP A 225 18.21 10.84 -8.10
CA ASP A 225 18.92 10.46 -6.85
C ASP A 225 18.65 11.46 -5.72
N THR A 226 18.96 11.06 -4.49
CA THR A 226 18.62 11.82 -3.27
C THR A 226 19.49 13.06 -3.21
N GLU A 227 20.70 12.98 -3.74
CA GLU A 227 21.59 14.17 -3.75
C GLU A 227 20.88 15.30 -4.48
N THR A 228 20.18 15.00 -5.60
CA THR A 228 19.44 16.02 -6.38
C THR A 228 18.27 16.53 -5.53
N VAL A 229 17.58 15.60 -4.88
CA VAL A 229 16.42 15.95 -3.99
C VAL A 229 16.93 16.95 -2.94
N ARG A 230 18.05 16.64 -2.31
CA ARG A 230 18.61 17.43 -1.19
C ARG A 230 19.13 18.78 -1.72
N GLN A 231 19.60 18.85 -2.98
CA GLN A 231 20.05 20.16 -3.58
C GLN A 231 18.82 21.01 -3.86
N LEU A 232 17.69 20.42 -4.29
CA LEU A 232 16.52 21.19 -4.80
C LEU A 232 15.47 21.39 -3.69
N GLY A 233 15.58 20.62 -2.59
CA GLY A 233 14.57 20.58 -1.51
C GLY A 233 14.26 21.97 -0.98
N GLY A 234 15.27 22.81 -0.78
CA GLY A 234 15.11 24.12 -0.14
C GLY A 234 14.15 25.06 -0.87
N HIS A 235 13.99 24.97 -2.19
CA HIS A 235 13.09 25.88 -2.96
C HIS A 235 11.85 25.13 -3.48
N SER A 236 11.61 23.87 -3.07
CA SER A 236 10.54 22.97 -3.57
C SER A 236 9.61 22.56 -2.42
N ASN A 237 8.31 22.63 -2.67
CA ASN A 237 7.27 21.95 -1.87
C ASN A 237 7.29 20.47 -2.16
N ALA A 238 7.58 20.10 -3.41
CA ALA A 238 7.36 18.72 -3.90
C ALA A 238 8.22 18.44 -5.10
N PHE A 239 8.46 17.16 -5.36
CA PHE A 239 9.09 16.66 -6.60
C PHE A 239 8.09 15.81 -7.37
N LEU A 240 8.07 15.95 -8.69
CA LEU A 240 7.37 14.96 -9.54
C LEU A 240 8.44 14.05 -10.16
N VAL A 241 8.31 12.74 -9.91
CA VAL A 241 9.33 11.71 -10.26
C VAL A 241 8.62 10.49 -10.89
N GLY A 242 9.13 10.06 -12.05
CA GLY A 242 8.55 8.99 -12.88
C GLY A 242 9.56 7.87 -13.11
N SER A 243 10.39 8.02 -14.14
CA SER A 243 11.19 6.95 -14.77
C SER A 243 12.24 6.38 -13.80
N GLN A 244 12.80 7.19 -12.90
CA GLN A 244 13.77 6.63 -11.92
C GLN A 244 13.05 5.51 -11.15
N LEU A 245 11.73 5.57 -10.99
CA LEU A 245 11.00 4.55 -10.20
C LEU A 245 10.55 3.42 -11.12
N THR A 246 9.88 3.74 -12.23
CA THR A 246 9.27 2.72 -13.12
C THR A 246 10.31 2.00 -13.97
N SER A 247 11.57 2.45 -14.03
CA SER A 247 12.66 1.74 -14.75
C SER A 247 13.25 0.61 -13.92
N GLN A 248 12.93 0.49 -12.62
CA GLN A 248 13.55 -0.53 -11.73
C GLN A 248 12.58 -1.67 -11.52
N GLU A 249 13.04 -2.91 -11.58
CA GLU A 249 12.20 -4.11 -11.30
C GLU A 249 11.47 -3.95 -9.95
N ASN A 250 12.20 -3.58 -8.90
CA ASN A 250 11.62 -3.41 -7.53
C ASN A 250 11.35 -1.91 -7.32
N VAL A 251 10.09 -1.51 -7.49
CA VAL A 251 9.68 -0.09 -7.40
C VAL A 251 9.80 0.38 -5.94
N ASP A 252 9.49 -0.50 -4.98
CA ASP A 252 9.52 -0.15 -3.53
C ASP A 252 10.96 0.16 -3.09
N LEU A 253 11.94 -0.65 -3.49
CA LEU A 253 13.39 -0.39 -3.25
C LEU A 253 13.80 0.91 -3.94
N ALA A 254 13.44 1.14 -5.21
CA ALA A 254 13.75 2.39 -5.93
C ALA A 254 13.17 3.63 -5.20
N ALA A 255 11.95 3.55 -4.67
CA ALA A 255 11.32 4.67 -3.94
C ALA A 255 12.13 4.98 -2.68
N ARG A 256 12.52 3.94 -1.93
CA ARG A 256 13.31 4.13 -0.70
C ARG A 256 14.66 4.76 -1.07
N GLU A 257 15.33 4.24 -2.10
CA GLU A 257 16.67 4.72 -2.51
C GLU A 257 16.51 6.21 -2.88
N LEU A 258 15.45 6.61 -3.56
CA LEU A 258 15.30 8.03 -3.99
C LEU A 258 14.94 8.93 -2.80
N VAL A 259 13.81 8.65 -2.14
CA VAL A 259 13.27 9.48 -1.00
C VAL A 259 14.29 9.58 0.15
N TYR A 260 14.88 8.45 0.57
CA TYR A 260 15.71 8.39 1.82
C TYR A 260 17.20 8.32 1.48
N GLY A 261 17.55 7.72 0.35
CA GLY A 261 18.96 7.45 0.01
C GLY A 261 19.35 6.00 0.25
N PRO A 262 20.57 5.63 -0.14
CA PRO A 262 21.08 4.27 0.06
C PRO A 262 21.64 4.09 1.47
N ASN A 263 20.75 4.06 2.46
CA ASN A 263 21.14 3.93 3.88
C ASN A 263 21.06 2.46 4.27
N LYS A 264 21.95 2.06 5.18
CA LYS A 264 22.03 0.70 5.76
C LYS A 264 21.62 0.76 7.23
N VAL A 265 20.72 -0.12 7.64
CA VAL A 265 20.59 -0.40 9.09
C VAL A 265 21.35 -1.68 9.38
N CYS A 266 22.45 -1.58 10.10
CA CYS A 266 23.40 -2.72 10.26
C CYS A 266 23.16 -3.41 11.60
N GLY A 267 23.78 -4.55 11.83
CA GLY A 267 23.62 -5.32 13.07
C GLY A 267 22.18 -5.76 13.31
N LEU A 268 21.46 -6.21 12.28
CA LEU A 268 20.10 -6.76 12.46
C LEU A 268 20.23 -8.16 13.10
N THR A 269 19.48 -8.41 14.16
CA THR A 269 19.50 -9.74 14.82
C THR A 269 18.09 -10.31 14.96
N SER A 270 17.04 -9.64 14.45
CA SER A 270 15.67 -10.24 14.48
C SER A 270 14.86 -9.92 13.22
N PRO A 271 13.93 -10.84 12.88
CA PRO A 271 12.99 -10.64 11.81
C PRO A 271 12.28 -9.29 11.92
N SER A 272 11.80 -8.93 13.12
CA SER A 272 10.91 -7.76 13.29
C SER A 272 11.73 -6.47 13.17
N ALA A 273 13.02 -6.50 13.52
CA ALA A 273 13.94 -5.34 13.34
C ALA A 273 14.13 -5.03 11.85
N ALA A 274 14.35 -6.08 11.04
CA ALA A 274 14.43 -6.00 9.57
C ALA A 274 13.12 -5.43 8.98
N GLN A 275 11.95 -5.92 9.40
CA GLN A 275 10.63 -5.40 8.92
C GLN A 275 10.47 -3.94 9.32
N THR A 276 10.88 -3.57 10.53
CA THR A 276 10.82 -2.16 11.01
C THR A 276 11.77 -1.28 10.19
N ALA A 277 13.00 -1.74 9.93
CA ALA A 277 14.03 -1.00 9.17
C ALA A 277 13.49 -0.70 7.76
N ARG A 278 12.94 -1.71 7.10
CA ARG A 278 12.38 -1.59 5.73
C ARG A 278 11.16 -0.67 5.72
N ALA A 279 10.21 -0.87 6.63
CA ALA A 279 9.02 0.01 6.77
C ALA A 279 9.47 1.46 6.92
N ALA A 280 10.51 1.71 7.71
CA ALA A 280 10.94 3.07 8.10
C ALA A 280 11.57 3.76 6.90
N GLY A 281 12.21 2.98 6.01
CA GLY A 281 12.76 3.46 4.73
C GLY A 281 14.16 2.99 4.40
N ALA A 282 14.77 2.07 5.16
CA ALA A 282 16.14 1.56 4.88
C ALA A 282 16.18 0.82 3.56
N VAL A 283 17.25 1.00 2.78
CA VAL A 283 17.48 0.19 1.55
C VAL A 283 18.21 -1.10 1.96
N TYR A 284 19.26 -0.97 2.76
CA TYR A 284 20.20 -2.08 3.11
C TYR A 284 20.00 -2.50 4.58
N GLY A 285 20.07 -3.81 4.79
CA GLY A 285 20.14 -4.51 6.08
C GLY A 285 21.50 -5.17 6.25
N GLY A 286 22.21 -4.88 7.33
CA GLY A 286 23.51 -5.50 7.65
C GLY A 286 23.34 -6.67 8.58
N LEU A 287 23.98 -7.80 8.27
CA LEU A 287 24.04 -9.00 9.13
C LEU A 287 25.51 -9.28 9.47
N ILE A 288 25.84 -9.30 10.76
CA ILE A 288 27.25 -9.39 11.27
C ILE A 288 27.64 -10.87 11.44
N PHE A 289 28.74 -11.30 10.81
CA PHE A 289 29.30 -12.68 10.93
C PHE A 289 30.69 -12.58 11.56
N GLU A 290 30.73 -12.40 12.88
CA GLU A 290 31.97 -12.21 13.68
C GLU A 290 31.69 -12.65 15.12
N GLU A 291 32.37 -13.72 15.58
CA GLU A 291 32.10 -14.41 16.87
C GLU A 291 32.11 -13.41 18.03
N ALA A 292 33.13 -12.55 18.10
CA ALA A 292 33.32 -11.51 19.14
C ALA A 292 32.13 -10.54 19.22
N SER A 293 31.31 -10.39 18.18
CA SER A 293 30.28 -9.33 18.15
C SER A 293 29.03 -9.77 18.93
N PRO A 294 28.45 -8.88 19.75
CA PRO A 294 27.13 -9.13 20.35
C PRO A 294 25.99 -9.22 19.31
N ARG A 295 26.26 -8.87 18.04
CA ARG A 295 25.28 -8.77 16.93
C ARG A 295 25.48 -9.95 15.96
N ASN A 296 26.34 -10.90 16.31
CA ASN A 296 26.68 -12.10 15.49
C ASN A 296 25.41 -12.88 15.20
N VAL A 297 25.22 -13.38 13.98
CA VAL A 297 24.00 -14.19 13.69
C VAL A 297 24.44 -15.52 13.10
N SER A 298 23.67 -16.56 13.40
CA SER A 298 23.80 -17.93 12.84
C SER A 298 23.17 -17.97 11.45
N ARG A 299 23.49 -19.01 10.70
CA ARG A 299 22.87 -19.30 9.38
C ARG A 299 21.35 -19.37 9.54
N GLU A 300 20.87 -19.88 10.68
CA GLU A 300 19.43 -20.11 10.97
C GLU A 300 18.72 -18.74 11.09
N THR A 301 19.19 -17.87 11.96
CA THR A 301 18.65 -16.50 12.15
C THR A 301 18.69 -15.78 10.80
N LEU A 302 19.79 -15.92 10.07
CA LEU A 302 20.08 -15.11 8.86
C LEU A 302 18.99 -15.40 7.82
N GLN A 303 18.65 -16.68 7.67
CA GLN A 303 17.64 -17.12 6.69
C GLN A 303 16.23 -16.74 7.16
N LYS A 304 15.96 -16.77 8.46
CA LYS A 304 14.68 -16.31 9.07
C LYS A 304 14.49 -14.80 8.82
N ILE A 305 15.53 -14.01 9.02
CA ILE A 305 15.46 -12.55 8.81
C ILE A 305 15.17 -12.29 7.34
N ILE A 306 15.90 -12.92 6.43
CA ILE A 306 15.75 -12.68 4.96
C ILE A 306 14.34 -13.10 4.50
N ALA A 307 13.80 -14.20 5.00
CA ALA A 307 12.45 -14.68 4.60
C ALA A 307 11.40 -13.73 5.17
N ALA A 308 11.58 -13.23 6.39
CA ALA A 308 10.62 -12.34 7.08
C ALA A 308 10.55 -10.99 6.35
N GLU A 309 11.68 -10.51 5.82
CA GLU A 309 11.74 -9.19 5.13
C GLU A 309 12.63 -9.28 3.89
N PRO A 310 12.13 -9.84 2.78
CA PRO A 310 12.98 -9.99 1.59
C PRO A 310 13.20 -8.71 0.76
N ASN A 311 12.61 -7.58 1.17
CA ASN A 311 12.70 -6.30 0.43
C ASN A 311 13.82 -5.41 0.97
N LEU A 312 14.75 -5.94 1.75
CA LEU A 312 16.03 -5.22 1.97
C LEU A 312 17.07 -5.87 1.06
N ARG A 313 18.12 -5.13 0.75
CA ARG A 313 19.38 -5.69 0.21
C ARG A 313 20.29 -6.02 1.39
N TYR A 314 20.55 -7.29 1.62
CA TYR A 314 21.30 -7.77 2.79
C TYR A 314 22.79 -7.73 2.48
N VAL A 315 23.52 -7.15 3.42
CA VAL A 315 24.99 -7.07 3.42
C VAL A 315 25.49 -8.00 4.54
N ALA A 316 26.32 -8.97 4.18
CA ALA A 316 27.05 -9.84 5.14
C ALA A 316 28.35 -9.13 5.55
N VAL A 317 28.46 -8.73 6.81
CA VAL A 317 29.63 -7.97 7.34
C VAL A 317 30.53 -8.93 8.12
N SER A 318 31.85 -8.84 7.93
CA SER A 318 32.85 -9.66 8.65
C SER A 318 34.20 -8.94 8.74
N ARG A 319 35.02 -9.30 9.71
CA ARG A 319 36.42 -8.78 9.85
C ARG A 319 37.40 -9.73 9.15
N ARG A 320 36.94 -10.90 8.72
CA ARG A 320 37.81 -11.93 8.09
C ARG A 320 38.45 -11.35 6.81
N THR A 321 39.46 -12.01 6.25
CA THR A 321 40.18 -11.61 5.00
C THR A 321 39.94 -12.64 3.90
N SER A 322 39.35 -13.79 4.24
CA SER A 322 38.98 -14.90 3.31
C SER A 322 37.80 -15.66 3.92
N GLY A 323 37.06 -16.42 3.11
CA GLY A 323 35.93 -17.26 3.58
C GLY A 323 34.59 -16.54 3.47
N TYR A 324 34.53 -15.46 2.67
CA TYR A 324 33.29 -14.68 2.37
C TYR A 324 32.31 -15.58 1.60
N LYS A 325 32.86 -16.54 0.87
CA LYS A 325 32.09 -17.60 0.14
C LYS A 325 31.09 -18.25 1.10
N ASP A 326 31.46 -18.49 2.36
CA ASP A 326 30.65 -19.24 3.37
C ASP A 326 29.51 -18.37 3.93
N LEU A 327 29.57 -17.05 3.76
CA LEU A 327 28.55 -16.10 4.28
C LEU A 327 27.40 -15.97 3.28
N LEU A 328 27.53 -16.57 2.09
CA LEU A 328 26.56 -16.35 0.98
C LEU A 328 25.34 -17.27 1.12
N VAL A 329 24.15 -16.70 1.04
CA VAL A 329 22.87 -17.45 0.88
C VAL A 329 22.01 -16.68 -0.11
N ASP A 330 20.86 -17.26 -0.46
CA ASP A 330 19.78 -16.61 -1.25
C ASP A 330 19.36 -15.33 -0.51
N GLY A 331 19.59 -14.17 -1.13
CA GLY A 331 19.15 -12.84 -0.64
C GLY A 331 20.31 -11.92 -0.26
N ILE A 332 21.56 -12.43 -0.27
CA ILE A 332 22.75 -11.60 0.10
C ILE A 332 23.11 -10.77 -1.13
N PHE A 333 22.99 -9.45 -1.04
CA PHE A 333 23.23 -8.54 -2.19
C PHE A 333 24.70 -8.10 -2.20
N ALA A 334 25.33 -8.00 -1.03
CA ALA A 334 26.74 -7.54 -0.91
C ALA A 334 27.44 -8.25 0.27
N VAL A 335 28.77 -8.19 0.26
CA VAL A 335 29.62 -8.50 1.45
C VAL A 335 30.37 -7.21 1.77
N GLN A 336 30.57 -6.93 3.06
CA GLN A 336 31.30 -5.73 3.54
C GLN A 336 32.53 -6.23 4.28
N ILE A 337 33.66 -6.13 3.58
CA ILE A 337 35.03 -6.40 4.10
C ILE A 337 35.30 -5.37 5.19
N HIS A 338 35.25 -5.81 6.46
CA HIS A 338 35.51 -4.97 7.66
C HIS A 338 36.84 -5.37 8.35
N ALA A 339 37.77 -5.99 7.62
CA ALA A 339 39.14 -6.30 8.09
C ALA A 339 39.82 -4.99 8.51
N PRO A 340 40.90 -5.04 9.34
CA PRO A 340 41.67 -3.83 9.66
C PRO A 340 42.38 -3.31 8.40
N LEU A 341 42.76 -2.02 8.36
CA LEU A 341 43.49 -1.49 7.18
C LEU A 341 44.71 -2.39 6.94
N GLN A 342 44.94 -2.80 5.69
CA GLN A 342 46.09 -3.65 5.27
C GLN A 342 47.36 -2.80 5.26
N ASP A 343 48.52 -3.42 4.99
CA ASP A 343 49.87 -2.79 5.06
C ASP A 343 50.00 -1.68 4.01
N SER A 344 49.64 -2.00 2.75
CA SER A 344 49.75 -1.13 1.56
C SER A 344 48.42 -1.05 0.80
N VAL A 345 48.26 0.01 0.01
CA VAL A 345 47.19 0.10 -1.02
C VAL A 345 47.19 -1.17 -1.87
N GLU A 346 48.36 -1.70 -2.23
CA GLU A 346 48.48 -2.85 -3.18
C GLU A 346 47.88 -4.12 -2.55
N ALA A 347 47.97 -4.26 -1.21
CA ALA A 347 47.40 -5.39 -0.43
C ALA A 347 45.87 -5.21 -0.23
N GLU A 348 45.39 -3.97 -0.02
CA GLU A 348 43.93 -3.63 -0.03
C GLU A 348 43.35 -4.04 -1.39
N LYS A 349 44.05 -3.75 -2.49
CA LYS A 349 43.56 -4.03 -3.87
C LYS A 349 43.53 -5.54 -4.10
N ALA A 350 44.46 -6.30 -3.50
CA ALA A 350 44.52 -7.78 -3.62
C ALA A 350 43.48 -8.42 -2.69
N LEU A 351 43.35 -7.93 -1.45
CA LEU A 351 42.27 -8.34 -0.51
C LEU A 351 40.91 -8.22 -1.21
N ILE A 352 40.64 -7.07 -1.86
CA ILE A 352 39.36 -6.80 -2.57
C ILE A 352 39.17 -7.78 -3.73
N ALA A 353 40.22 -8.05 -4.52
CA ALA A 353 40.09 -8.85 -5.75
C ALA A 353 39.97 -10.33 -5.41
N ALA A 354 40.54 -10.75 -4.27
CA ALA A 354 40.37 -12.10 -3.70
C ALA A 354 38.89 -12.33 -3.31
N VAL A 355 38.27 -11.34 -2.67
CA VAL A 355 36.87 -11.47 -2.17
C VAL A 355 35.94 -11.48 -3.38
N ARG A 356 36.21 -10.59 -4.36
CA ARG A 356 35.42 -10.47 -5.62
C ARG A 356 35.45 -11.81 -6.38
N GLU A 357 36.61 -12.47 -6.39
CA GLU A 357 36.83 -13.85 -6.92
C GLU A 357 35.93 -14.83 -6.17
N GLU A 358 36.01 -14.85 -4.84
CA GLU A 358 35.21 -15.75 -3.95
C GLU A 358 33.71 -15.62 -4.29
N VAL A 359 33.16 -14.40 -4.23
CA VAL A 359 31.67 -14.18 -4.15
C VAL A 359 31.05 -14.24 -5.54
N GLY A 360 31.84 -13.99 -6.59
CA GLY A 360 31.39 -14.03 -7.99
C GLY A 360 30.91 -12.65 -8.39
N PRO A 361 30.35 -12.50 -9.61
CA PRO A 361 29.95 -11.19 -10.13
C PRO A 361 28.49 -10.76 -9.86
N GLN A 362 27.67 -11.63 -9.27
CA GLN A 362 26.26 -11.32 -8.89
C GLN A 362 26.20 -10.70 -7.47
N VAL A 363 27.33 -10.65 -6.76
CA VAL A 363 27.41 -10.21 -5.34
C VAL A 363 28.36 -9.04 -5.22
N GLN A 364 27.91 -7.91 -4.67
CA GLN A 364 28.75 -6.68 -4.58
C GLN A 364 29.79 -6.85 -3.48
N VAL A 365 30.83 -6.05 -3.58
CA VAL A 365 31.93 -6.03 -2.59
C VAL A 365 32.11 -4.60 -2.11
N TRP A 366 31.93 -4.41 -0.81
CA TRP A 366 32.05 -3.13 -0.10
C TRP A 366 33.28 -3.24 0.77
N ARG A 367 33.92 -2.10 1.02
CA ARG A 367 35.10 -2.05 1.91
C ARG A 367 34.84 -0.96 2.95
N ALA A 368 34.94 -1.32 4.22
CA ALA A 368 34.98 -0.38 5.36
C ALA A 368 36.43 0.12 5.51
N ILE A 369 36.57 1.42 5.73
CA ILE A 369 37.87 2.09 5.94
C ILE A 369 37.75 2.84 7.27
N SER A 370 38.66 2.56 8.20
CA SER A 370 38.82 3.31 9.48
C SER A 370 39.38 4.71 9.17
N MET A 371 38.56 5.75 9.34
CA MET A 371 38.95 7.18 9.11
C MET A 371 39.44 7.78 10.44
N SER A 372 39.35 7.00 11.53
CA SER A 372 40.00 7.25 12.84
C SER A 372 41.52 7.29 12.62
N SER A 373 42.06 6.44 11.72
CA SER A 373 43.46 6.49 11.23
C SER A 373 43.65 7.74 10.36
N PRO A 374 44.87 8.33 10.31
CA PRO A 374 45.14 9.39 9.33
C PRO A 374 45.52 8.85 7.93
N LEU A 375 45.67 7.52 7.76
CA LEU A 375 45.94 6.84 6.46
C LEU A 375 44.61 6.50 5.74
N GLY A 376 43.48 6.63 6.44
CA GLY A 376 42.15 6.24 5.95
C GLY A 376 41.77 6.93 4.65
N ALA A 377 41.78 8.27 4.66
CA ALA A 377 41.49 9.16 3.50
C ALA A 377 42.21 8.65 2.23
N GLU A 378 43.47 8.23 2.38
CA GLU A 378 44.35 7.86 1.23
C GLU A 378 43.91 6.52 0.65
N VAL A 379 43.63 5.52 1.50
CA VAL A 379 43.17 4.18 1.03
C VAL A 379 41.83 4.34 0.29
N ALA A 380 40.94 5.17 0.85
CA ALA A 380 39.58 5.46 0.35
C ALA A 380 39.65 5.86 -1.13
N ALA A 381 40.43 6.89 -1.44
CA ALA A 381 40.57 7.42 -2.83
C ALA A 381 41.21 6.37 -3.73
N ALA A 382 42.13 5.55 -3.20
CA ALA A 382 42.87 4.52 -3.98
C ALA A 382 41.95 3.34 -4.35
N VAL A 383 41.06 2.92 -3.44
CA VAL A 383 40.22 1.68 -3.62
C VAL A 383 38.80 2.01 -4.14
N GLU A 384 38.40 3.29 -4.15
CA GLU A 384 37.08 3.82 -4.60
C GLU A 384 36.58 3.09 -5.88
N GLY A 385 37.45 2.89 -6.87
CA GLY A 385 37.09 2.30 -8.18
C GLY A 385 37.10 0.78 -8.18
N ASP A 386 37.61 0.15 -7.12
CA ASP A 386 37.69 -1.33 -7.00
C ASP A 386 36.48 -1.91 -6.24
N VAL A 387 35.69 -1.08 -5.55
CA VAL A 387 34.50 -1.52 -4.75
C VAL A 387 33.20 -0.90 -5.28
N ASP A 388 32.09 -1.50 -4.91
CA ASP A 388 30.72 -1.01 -5.19
C ASP A 388 30.41 0.09 -4.17
N LYS A 389 30.84 -0.03 -2.92
CA LYS A 389 30.63 1.03 -1.90
C LYS A 389 31.81 1.07 -0.94
N LEU A 390 32.06 2.27 -0.40
CA LEU A 390 32.87 2.47 0.81
C LEU A 390 31.94 2.73 2.00
N ILE A 391 32.30 2.12 3.14
CA ILE A 391 31.85 2.52 4.50
C ILE A 391 32.97 3.34 5.12
N LEU A 392 32.75 4.62 5.39
CA LEU A 392 33.72 5.49 6.12
C LEU A 392 33.37 5.49 7.60
N ASP A 393 34.15 4.76 8.41
CA ASP A 393 33.78 4.32 9.78
C ASP A 393 34.79 4.79 10.84
N ALA A 394 34.36 4.79 12.11
CA ALA A 394 35.23 4.95 13.30
C ALA A 394 35.82 3.59 13.71
N HIS A 395 37.06 3.62 14.22
CA HIS A 395 37.74 2.51 14.98
C HIS A 395 37.69 1.23 14.13
N GLU A 396 37.11 0.11 14.62
CA GLU A 396 36.86 -1.05 13.71
C GLU A 396 35.45 -1.59 13.89
N GLY A 397 34.44 -0.75 13.68
CA GLY A 397 33.05 -1.17 13.46
C GLY A 397 32.32 -1.42 14.76
N GLY A 398 31.13 -0.85 14.92
CA GLY A 398 30.25 -1.10 16.07
C GLY A 398 30.75 -0.40 17.32
N SER A 399 31.70 0.51 17.16
CA SER A 399 32.25 1.39 18.22
C SER A 399 31.13 2.21 18.87
N GLY A 400 30.20 2.75 18.06
CA GLY A 400 29.22 3.78 18.49
C GLY A 400 29.85 5.14 18.73
N GLU A 401 31.09 5.35 18.25
CA GLU A 401 31.86 6.64 18.36
C GLU A 401 32.04 7.25 16.95
N VAL A 402 32.17 8.58 16.86
CA VAL A 402 32.45 9.35 15.60
C VAL A 402 33.97 9.51 15.39
N PHE A 403 34.33 9.89 14.16
CA PHE A 403 35.64 10.47 13.75
C PHE A 403 35.36 11.90 13.25
N ASP A 404 36.40 12.66 12.85
CA ASP A 404 36.27 14.04 12.26
C ASP A 404 35.74 13.91 10.81
N TRP A 405 34.49 14.32 10.59
CA TRP A 405 33.76 14.18 9.29
C TRP A 405 34.33 15.14 8.20
N ALA A 406 35.09 16.18 8.60
CA ALA A 406 35.88 17.08 7.70
C ALA A 406 37.05 16.30 7.07
N THR A 407 37.36 15.11 7.60
CA THR A 407 38.39 14.13 7.15
C THR A 407 37.95 13.35 5.90
N VAL A 408 36.67 13.38 5.52
CA VAL A 408 36.13 12.66 4.32
C VAL A 408 36.52 13.44 3.06
N PRO A 409 37.29 12.83 2.11
CA PRO A 409 37.62 13.50 0.85
C PRO A 409 36.40 13.61 -0.06
N ALA A 410 36.21 14.75 -0.72
CA ALA A 410 35.03 15.03 -1.58
C ALA A 410 34.91 13.96 -2.67
N ALA A 411 36.05 13.48 -3.17
CA ALA A 411 36.14 12.52 -4.29
C ALA A 411 35.16 11.32 -4.11
N VAL A 412 35.12 10.74 -2.91
CA VAL A 412 34.58 9.37 -2.67
C VAL A 412 33.12 9.40 -2.15
N LYS A 413 32.60 10.59 -1.86
CA LYS A 413 31.31 10.76 -1.15
C LYS A 413 30.18 10.06 -1.92
N ALA A 414 30.12 10.19 -3.24
CA ALA A 414 29.06 9.62 -4.10
C ALA A 414 29.06 8.09 -4.00
N LYS A 415 30.18 7.49 -3.55
CA LYS A 415 30.30 6.02 -3.39
C LYS A 415 30.26 5.61 -1.91
N SER A 416 29.99 6.53 -0.98
CA SER A 416 30.23 6.25 0.46
C SER A 416 28.95 6.21 1.28
N LEU A 417 28.88 5.25 2.22
CA LEU A 417 28.06 5.39 3.46
C LEU A 417 28.95 5.96 4.59
N LEU A 418 28.46 7.00 5.25
CA LEU A 418 29.04 7.56 6.48
C LEU A 418 28.57 6.72 7.68
N ALA A 419 29.52 6.32 8.53
CA ALA A 419 29.35 5.39 9.68
C ALA A 419 30.10 5.92 10.90
N GLY A 420 29.65 5.56 12.11
CA GLY A 420 30.34 5.83 13.38
C GLY A 420 29.49 6.68 14.30
N GLY A 421 28.71 6.04 15.17
CA GLY A 421 27.90 6.73 16.17
C GLY A 421 26.72 7.50 15.60
N ILE A 422 26.26 7.21 14.38
CA ILE A 422 25.10 7.94 13.77
C ILE A 422 23.84 7.59 14.56
N SER A 423 23.10 8.61 14.96
CA SER A 423 21.93 8.48 15.85
C SER A 423 20.92 9.51 15.38
N PRO A 424 19.67 9.46 15.89
CA PRO A 424 18.69 10.50 15.60
C PRO A 424 19.16 11.92 15.97
N ASP A 425 19.98 12.05 17.02
CA ASP A 425 20.45 13.36 17.55
C ASP A 425 21.46 14.00 16.60
N ASN A 426 22.31 13.22 15.93
CA ASN A 426 23.35 13.80 15.02
C ASN A 426 23.05 13.50 13.54
N ALA A 427 21.90 12.92 13.18
CA ALA A 427 21.55 12.50 11.79
C ALA A 427 21.63 13.68 10.82
N ALA A 428 20.98 14.80 11.14
CA ALA A 428 20.96 16.00 10.27
C ALA A 428 22.40 16.42 9.95
N GLN A 429 23.27 16.43 10.96
CA GLN A 429 24.69 16.89 10.82
C GLN A 429 25.44 15.86 9.97
N ALA A 430 25.13 14.57 10.11
CA ALA A 430 25.73 13.51 9.28
C ALA A 430 25.34 13.65 7.79
N LEU A 431 24.06 13.95 7.50
CA LEU A 431 23.54 14.09 6.11
C LEU A 431 24.24 15.28 5.42
N ALA A 432 24.60 16.31 6.19
CA ALA A 432 25.23 17.56 5.72
C ALA A 432 26.65 17.34 5.22
N VAL A 433 27.32 16.25 5.61
CA VAL A 433 28.65 15.83 5.10
C VAL A 433 28.55 15.58 3.59
N GLY A 434 27.45 14.98 3.12
CA GLY A 434 27.17 14.82 1.68
C GLY A 434 27.63 13.49 1.12
N CYS A 435 27.75 12.45 1.94
CA CYS A 435 27.92 11.06 1.45
C CYS A 435 26.59 10.56 0.85
N ALA A 436 26.62 9.52 0.03
CA ALA A 436 25.40 9.04 -0.65
C ALA A 436 24.43 8.54 0.41
N GLY A 437 24.94 7.90 1.48
CA GLY A 437 24.10 7.21 2.47
C GLY A 437 24.66 7.24 3.88
N LEU A 438 23.85 6.80 4.85
CA LEU A 438 24.29 6.57 6.25
C LEU A 438 24.30 5.08 6.54
N ASP A 439 25.30 4.67 7.33
CA ASP A 439 25.37 3.32 7.96
C ASP A 439 25.00 3.53 9.44
N ILE A 440 23.90 2.91 9.88
CA ILE A 440 23.20 3.16 11.17
C ILE A 440 23.17 1.82 11.93
N ASN A 441 23.62 1.80 13.17
CA ASN A 441 23.81 0.54 13.94
C ASN A 441 23.47 0.82 15.41
N SER A 442 24.47 1.14 16.26
CA SER A 442 24.26 1.24 17.72
C SER A 442 23.40 2.46 18.07
N GLY A 443 23.41 3.53 17.26
CA GLY A 443 22.66 4.78 17.52
C GLY A 443 21.13 4.60 17.41
N VAL A 444 20.64 3.48 16.89
CA VAL A 444 19.18 3.13 16.95
C VAL A 444 19.02 1.82 17.73
N GLU A 445 19.93 1.52 18.64
CA GLU A 445 19.76 0.37 19.56
C GLU A 445 19.20 0.87 20.88
N TYR A 446 18.46 0.01 21.56
CA TYR A 446 18.09 0.19 22.98
C TYR A 446 19.39 0.35 23.76
N PRO A 447 19.51 1.34 24.67
CA PRO A 447 20.72 1.47 25.48
C PRO A 447 20.85 0.37 26.57
N ALA A 448 21.95 0.43 27.32
CA ALA A 448 22.36 -0.63 28.29
C ALA A 448 21.31 -0.83 29.39
N GLY A 449 20.50 0.17 29.74
CA GLY A 449 19.49 0.07 30.80
C GLY A 449 18.15 -0.49 30.36
N ALA A 450 18.04 -1.02 29.13
CA ALA A 450 16.76 -1.50 28.55
C ALA A 450 16.51 -2.95 28.93
N GLY A 451 17.28 -3.55 29.84
CA GLY A 451 17.02 -4.93 30.22
C GLY A 451 17.34 -5.91 29.12
N THR A 452 16.50 -6.92 28.85
CA THR A 452 16.73 -7.93 27.80
C THR A 452 16.69 -7.30 26.40
N TRP A 453 16.16 -6.07 26.24
CA TRP A 453 16.08 -5.33 24.96
C TRP A 453 17.37 -4.54 24.68
N ALA A 454 18.29 -4.44 25.64
CA ALA A 454 19.56 -3.70 25.44
C ALA A 454 20.27 -4.26 24.20
N GLY A 455 20.73 -3.39 23.28
CA GLY A 455 21.44 -3.80 22.04
C GLY A 455 20.53 -4.21 20.87
N ALA A 456 19.23 -4.47 21.07
CA ALA A 456 18.27 -4.78 19.99
C ALA A 456 17.90 -3.47 19.29
N LYS A 457 17.41 -3.52 18.04
CA LYS A 457 17.01 -2.30 17.28
C LYS A 457 15.76 -1.74 17.93
N ASP A 458 15.80 -0.43 18.17
CA ASP A 458 14.73 0.36 18.82
C ASP A 458 13.85 0.94 17.70
N ALA A 459 12.66 0.38 17.51
CA ALA A 459 11.69 0.77 16.46
C ALA A 459 11.35 2.26 16.57
N GLY A 460 11.32 2.82 17.77
CA GLY A 460 11.03 4.26 17.94
C GLY A 460 12.18 5.10 17.43
N ALA A 461 13.41 4.62 17.63
CA ALA A 461 14.60 5.33 17.15
C ALA A 461 14.65 5.24 15.61
N LEU A 462 14.22 4.10 15.03
CA LEU A 462 14.14 3.90 13.56
C LEU A 462 13.10 4.85 12.97
N LEU A 463 11.94 5.01 13.59
CA LEU A 463 10.92 5.97 13.10
C LEU A 463 11.51 7.38 13.08
N LYS A 464 12.09 7.86 14.18
CA LYS A 464 12.68 9.24 14.29
C LYS A 464 13.76 9.48 13.23
N ILE A 465 14.75 8.60 13.07
CA ILE A 465 15.92 8.93 12.21
C ILE A 465 15.45 9.00 10.75
N PHE A 466 14.56 8.10 10.30
CA PHE A 466 14.09 8.07 8.89
C PHE A 466 13.13 9.24 8.64
N ALA A 467 12.34 9.67 9.62
CA ALA A 467 11.54 10.90 9.47
C ALA A 467 12.52 12.06 9.28
N THR A 468 13.62 12.15 10.05
CA THR A 468 14.64 13.22 9.86
C THR A 468 15.18 13.16 8.42
N ILE A 469 15.58 11.97 7.98
CA ILE A 469 16.22 11.80 6.65
C ILE A 469 15.25 12.25 5.53
N SER A 470 13.96 11.97 5.68
CA SER A 470 12.93 12.04 4.62
C SER A 470 12.78 13.47 4.13
N THR A 471 13.07 14.47 4.97
CA THR A 471 12.86 15.88 4.61
C THR A 471 14.17 16.66 4.68
N PHE A 472 15.32 15.99 4.86
CA PHE A 472 16.60 16.72 4.90
C PHE A 472 16.88 17.35 3.52
N HIS A 473 17.30 18.58 3.52
CA HIS A 473 17.85 19.30 2.34
C HIS A 473 18.98 20.22 2.80
N TYR A 474 19.93 20.50 1.93
CA TYR A 474 21.06 21.44 2.16
C TYR A 474 20.54 22.88 2.39
N LEU A 475 21.15 23.57 3.36
CA LEU A 475 20.88 24.98 3.77
C LEU A 475 22.13 25.81 3.50
N ASN B 5 -11.28 -22.23 40.28
CA ASN B 5 -9.86 -22.70 40.38
C ASN B 5 -9.06 -22.21 39.16
N LEU B 6 -9.30 -22.75 37.95
CA LEU B 6 -8.69 -22.25 36.69
C LEU B 6 -9.10 -20.81 36.41
N PRO B 7 -8.14 -19.93 36.09
CA PRO B 7 -8.48 -18.59 35.64
C PRO B 7 -9.12 -18.66 34.25
N THR B 8 -10.02 -17.73 33.97
CA THR B 8 -10.63 -17.51 32.65
C THR B 8 -9.49 -17.11 31.70
N VAL B 9 -9.71 -17.25 30.39
CA VAL B 9 -8.78 -16.77 29.34
C VAL B 9 -8.49 -15.27 29.54
N LEU B 10 -9.50 -14.43 29.73
CA LEU B 10 -9.23 -12.98 29.93
C LEU B 10 -8.32 -12.81 31.16
N GLU B 11 -8.66 -13.44 32.27
CA GLU B 11 -7.86 -13.30 33.52
C GLU B 11 -6.42 -13.70 33.25
N SER B 12 -6.18 -14.83 32.57
CA SER B 12 -4.79 -15.28 32.30
C SER B 12 -4.07 -14.26 31.44
N ILE B 13 -4.76 -13.72 30.43
CA ILE B 13 -4.12 -12.74 29.51
C ILE B 13 -3.68 -11.51 30.30
N VAL B 14 -4.59 -10.96 31.12
CA VAL B 14 -4.36 -9.71 31.90
C VAL B 14 -3.24 -9.95 32.90
N GLU B 15 -3.24 -11.10 33.57
CA GLU B 15 -2.17 -11.43 34.55
C GLU B 15 -0.83 -11.66 33.83
N GLY B 16 -0.84 -12.32 32.67
CA GLY B 16 0.39 -12.44 31.88
C GLY B 16 0.91 -11.06 31.56
N ARG B 17 0.03 -10.13 31.21
CA ARG B 17 0.45 -8.77 30.79
C ARG B 17 1.01 -8.01 32.00
N ARG B 18 0.42 -8.16 33.18
CA ARG B 18 0.97 -7.55 34.42
C ARG B 18 2.44 -7.96 34.60
N GLY B 19 2.77 -9.22 34.31
CA GLY B 19 4.15 -9.76 34.42
C GLY B 19 5.08 -9.22 33.34
N HIS B 20 4.61 -8.50 32.31
CA HIS B 20 5.45 -7.90 31.25
C HIS B 20 5.79 -6.44 31.57
N LEU B 21 5.11 -5.85 32.57
CA LEU B 21 5.21 -4.39 32.82
C LEU B 21 6.67 -4.01 33.12
N GLU B 22 7.41 -4.79 33.92
CA GLU B 22 8.85 -4.52 34.24
C GLU B 22 9.65 -4.48 32.92
N GLU B 23 9.41 -5.42 32.01
CA GLU B 23 10.11 -5.47 30.69
C GLU B 23 9.77 -4.19 29.89
N ILE B 24 8.50 -3.79 29.86
CA ILE B 24 8.05 -2.59 29.09
C ILE B 24 8.69 -1.32 29.68
N ARG B 25 8.67 -1.14 31.00
CA ARG B 25 9.24 0.05 31.70
C ARG B 25 10.72 0.19 31.35
N ALA B 26 11.49 -0.91 31.33
CA ALA B 26 12.92 -0.87 30.99
C ALA B 26 13.08 -0.57 29.49
N ARG B 27 12.26 -1.22 28.65
CA ARG B 27 12.32 -1.07 27.18
C ARG B 27 12.19 0.41 26.77
N ILE B 28 11.34 1.19 27.43
CA ILE B 28 11.16 2.63 27.04
C ILE B 28 11.66 3.57 28.15
N ALA B 29 12.57 3.12 29.03
CA ALA B 29 13.07 3.92 30.18
C ALA B 29 13.89 5.11 29.69
N HIS B 30 14.50 5.00 28.51
CA HIS B 30 15.33 6.07 27.88
C HIS B 30 14.45 7.11 27.20
N VAL B 31 13.13 6.91 27.14
CA VAL B 31 12.22 7.81 26.38
C VAL B 31 11.79 8.95 27.29
N ASP B 32 11.93 10.19 26.80
CA ASP B 32 11.40 11.41 27.47
C ASP B 32 9.90 11.45 27.23
N VAL B 33 9.09 10.92 28.15
CA VAL B 33 7.63 10.72 27.93
C VAL B 33 6.96 12.09 27.72
N ASP B 34 7.30 13.08 28.54
CA ASP B 34 6.73 14.46 28.52
C ASP B 34 6.88 15.10 27.14
N ALA B 35 7.94 14.75 26.38
CA ALA B 35 8.26 15.33 25.07
C ALA B 35 7.80 14.43 23.91
N LEU B 36 7.09 13.31 24.18
CA LEU B 36 6.59 12.46 23.06
C LEU B 36 5.75 13.33 22.13
N PRO B 37 5.89 13.20 20.79
CA PRO B 37 4.96 13.82 19.86
C PRO B 37 3.54 13.27 20.02
N LYS B 38 2.57 14.15 19.80
CA LYS B 38 1.13 13.81 19.76
C LYS B 38 0.82 13.06 18.47
N SER B 39 -0.14 12.14 18.53
CA SER B 39 -0.78 11.55 17.33
C SER B 39 -1.42 12.71 16.55
N THR B 40 -1.31 12.66 15.21
CA THR B 40 -1.96 13.60 14.25
C THR B 40 -2.95 12.85 13.35
N ARG B 41 -3.33 11.60 13.66
CA ARG B 41 -4.39 10.88 12.91
C ARG B 41 -5.54 10.53 13.85
N SER B 42 -6.75 10.93 13.47
CA SER B 42 -7.99 10.75 14.26
C SER B 42 -8.71 9.47 13.80
N LEU B 43 -8.76 8.46 14.66
CA LEU B 43 -9.59 7.25 14.38
C LEU B 43 -11.05 7.67 14.38
N PHE B 44 -11.44 8.56 15.30
CA PHE B 44 -12.82 9.10 15.42
C PHE B 44 -13.28 9.63 14.05
N ASP B 45 -12.53 10.58 13.46
CA ASP B 45 -12.91 11.21 12.16
C ASP B 45 -12.96 10.15 11.07
N SER B 46 -12.01 9.22 11.05
CA SER B 46 -11.98 8.13 10.04
C SER B 46 -13.24 7.26 10.15
N LEU B 47 -13.76 7.04 11.35
CA LEU B 47 -14.88 6.08 11.58
C LEU B 47 -16.23 6.80 11.64
N ASN B 48 -16.25 8.13 11.72
CA ASN B 48 -17.47 8.92 11.98
C ASN B 48 -18.17 9.27 10.67
N GLN B 49 -18.62 8.27 9.93
CA GLN B 49 -19.15 8.42 8.55
C GLN B 49 -20.59 7.88 8.51
N GLY B 50 -21.27 7.83 9.66
CA GLY B 50 -22.67 7.38 9.79
C GLY B 50 -22.82 5.87 10.02
N ARG B 51 -23.94 5.49 10.65
CA ARG B 51 -24.38 4.08 10.75
C ARG B 51 -24.63 3.60 9.32
N GLY B 52 -24.09 2.43 8.93
CA GLY B 52 -24.14 1.94 7.54
C GLY B 52 -22.99 2.44 6.70
N GLY B 53 -22.05 3.18 7.29
CA GLY B 53 -20.86 3.66 6.56
C GLY B 53 -19.87 2.55 6.23
N ALA B 54 -20.00 1.36 6.81
CA ALA B 54 -19.14 0.19 6.50
C ALA B 54 -17.65 0.60 6.43
N ARG B 55 -17.14 1.24 7.47
CA ARG B 55 -15.69 1.47 7.63
C ARG B 55 -15.15 0.20 8.28
N PHE B 56 -13.98 -0.25 7.85
CA PHE B 56 -13.31 -1.44 8.41
C PHE B 56 -12.08 -1.02 9.22
N ILE B 57 -11.97 -1.51 10.45
CA ILE B 57 -10.66 -1.59 11.15
C ILE B 57 -10.15 -2.99 10.88
N MET B 58 -9.09 -3.12 10.11
CA MET B 58 -8.52 -4.44 9.79
C MET B 58 -7.35 -4.68 10.73
N GLU B 59 -7.22 -5.92 11.18
CA GLU B 59 -6.32 -6.23 12.30
C GLU B 59 -5.15 -7.07 11.81
N CYS B 60 -3.92 -6.65 12.13
CA CYS B 60 -2.68 -7.48 12.06
C CYS B 60 -2.62 -8.35 13.33
N LYS B 61 -2.88 -9.63 13.16
CA LYS B 61 -2.94 -10.65 14.24
C LYS B 61 -2.48 -11.97 13.65
N SER B 62 -1.41 -12.53 14.22
CA SER B 62 -0.74 -13.76 13.75
C SER B 62 -1.17 -14.96 14.60
N ALA B 63 -1.76 -14.75 15.76
CA ALA B 63 -2.18 -15.83 16.68
C ALA B 63 -3.29 -15.32 17.58
N SER B 64 -4.13 -16.22 18.13
CA SER B 64 -5.13 -15.89 19.18
C SER B 64 -5.28 -17.04 20.17
N PRO B 65 -5.73 -16.75 21.40
CA PRO B 65 -6.16 -17.81 22.33
C PRO B 65 -7.14 -18.77 21.66
N SER B 66 -8.12 -18.25 20.93
CA SER B 66 -9.20 -19.08 20.36
C SER B 66 -8.72 -19.94 19.17
N LEU B 67 -7.71 -19.51 18.40
CA LEU B 67 -7.37 -20.18 17.11
C LEU B 67 -5.98 -20.79 17.14
N GLY B 68 -5.15 -20.45 18.13
CA GLY B 68 -3.72 -20.80 18.12
C GLY B 68 -2.99 -19.98 17.06
N MET B 69 -1.92 -20.52 16.47
CA MET B 69 -1.18 -19.91 15.35
C MET B 69 -2.18 -19.68 14.19
N ILE B 70 -2.33 -18.45 13.75
CA ILE B 70 -3.13 -18.11 12.54
C ILE B 70 -2.20 -17.93 11.32
N ARG B 71 -1.11 -17.19 11.47
CA ARG B 71 -0.24 -16.88 10.30
C ARG B 71 1.23 -16.94 10.74
N GLU B 72 1.88 -18.07 10.55
CA GLU B 72 3.29 -18.28 10.97
C GLU B 72 4.23 -17.31 10.23
N HIS B 73 4.10 -17.21 8.90
CA HIS B 73 4.97 -16.36 8.04
C HIS B 73 4.37 -14.96 8.05
N TYR B 74 4.65 -14.21 9.10
CA TYR B 74 3.91 -12.98 9.45
C TYR B 74 4.72 -11.75 9.02
N GLN B 75 4.16 -10.95 8.10
CA GLN B 75 4.81 -9.72 7.60
C GLN B 75 3.84 -8.57 7.77
N PRO B 76 3.82 -7.95 8.97
CA PRO B 76 2.86 -6.91 9.29
C PRO B 76 2.89 -5.74 8.29
N GLY B 77 4.07 -5.43 7.75
CA GLY B 77 4.31 -4.37 6.77
C GLY B 77 3.58 -4.69 5.47
N GLU B 78 3.59 -5.96 5.06
CA GLU B 78 2.97 -6.36 3.77
C GLU B 78 1.46 -6.40 3.96
N ILE B 79 0.99 -6.86 5.11
CA ILE B 79 -0.46 -6.87 5.47
C ILE B 79 -0.96 -5.42 5.57
N ALA B 80 -0.23 -4.51 6.19
CA ALA B 80 -0.65 -3.09 6.30
C ALA B 80 -0.79 -2.42 4.93
N ARG B 81 0.08 -2.75 3.97
CA ARG B 81 0.00 -2.29 2.55
C ARG B 81 -1.33 -2.75 1.96
N VAL B 82 -1.68 -4.02 2.09
CA VAL B 82 -3.01 -4.53 1.65
C VAL B 82 -4.11 -3.72 2.36
N TYR B 83 -4.07 -3.64 3.68
CA TYR B 83 -5.13 -3.00 4.51
C TYR B 83 -5.29 -1.53 4.10
N SER B 84 -4.22 -0.85 3.70
CA SER B 84 -4.26 0.59 3.38
C SER B 84 -5.16 0.83 2.15
N ARG B 85 -5.49 -0.21 1.38
CA ARG B 85 -6.41 -0.08 0.23
C ARG B 85 -7.87 -0.09 0.68
N TYR B 86 -8.23 -0.86 1.72
CA TYR B 86 -9.62 -1.23 2.08
C TYR B 86 -10.05 -0.55 3.40
N ALA B 87 -9.13 -0.32 4.33
CA ALA B 87 -9.46 -0.07 5.76
C ALA B 87 -9.54 1.43 6.02
N SER B 88 -10.23 1.78 7.09
CA SER B 88 -10.30 3.16 7.61
C SER B 88 -9.46 3.25 8.88
N GLY B 89 -8.91 2.10 9.33
CA GLY B 89 -8.03 1.99 10.50
C GLY B 89 -7.28 0.67 10.52
N ILE B 90 -6.13 0.61 11.18
CA ILE B 90 -5.41 -0.68 11.34
C ILE B 90 -5.22 -0.92 12.83
N SER B 91 -5.74 -2.04 13.33
CA SER B 91 -5.49 -2.59 14.68
C SER B 91 -4.23 -3.49 14.64
N VAL B 92 -3.32 -3.34 15.59
CA VAL B 92 -2.11 -4.20 15.67
C VAL B 92 -2.04 -4.83 17.06
N LEU B 93 -2.05 -6.15 17.14
CA LEU B 93 -1.84 -6.83 18.44
C LEU B 93 -0.40 -6.59 18.93
N CYS B 94 -0.26 -6.09 20.16
CA CYS B 94 1.03 -5.79 20.83
C CYS B 94 1.25 -6.88 21.94
N GLU B 95 0.26 -7.74 22.24
CA GLU B 95 0.34 -8.80 23.29
C GLU B 95 1.17 -9.98 22.77
N PRO B 96 2.32 -10.30 23.40
CA PRO B 96 3.22 -11.31 22.85
C PRO B 96 2.96 -12.80 23.17
N ASP B 97 2.32 -13.15 24.28
CA ASP B 97 2.35 -14.55 24.78
C ASP B 97 1.23 -15.41 24.15
N ARG B 98 0.05 -14.86 23.83
N ARG B 98 0.11 -14.79 23.78
CA ARG B 98 -1.04 -15.65 23.18
CA ARG B 98 -1.14 -15.47 23.32
C ARG B 98 -1.30 -15.12 21.76
C ARG B 98 -1.58 -14.95 21.94
N PHE B 99 -1.00 -13.85 21.46
CA PHE B 99 -1.35 -13.22 20.15
C PHE B 99 -0.14 -13.02 19.21
N GLY B 100 1.08 -13.32 19.62
CA GLY B 100 2.29 -13.27 18.79
C GLY B 100 2.71 -11.85 18.44
N GLY B 101 2.27 -10.85 19.21
CA GLY B 101 2.41 -9.41 18.92
C GLY B 101 3.63 -8.81 19.58
N ASP B 102 4.10 -7.69 19.06
CA ASP B 102 5.17 -6.87 19.65
C ASP B 102 4.98 -5.41 19.22
N TYR B 103 5.57 -4.47 19.96
CA TYR B 103 5.58 -3.03 19.60
C TYR B 103 6.29 -2.82 18.25
N ASP B 104 7.24 -3.65 17.83
CA ASP B 104 7.91 -3.56 16.52
C ASP B 104 6.86 -3.68 15.39
N HIS B 105 5.89 -4.55 15.56
CA HIS B 105 4.75 -4.74 14.65
C HIS B 105 3.99 -3.43 14.55
N LEU B 106 3.73 -2.80 15.70
CA LEU B 106 3.02 -1.51 15.80
C LEU B 106 3.77 -0.47 14.97
N ALA B 107 5.08 -0.38 15.17
CA ALA B 107 5.96 0.60 14.52
C ALA B 107 6.02 0.36 13.01
N THR B 108 6.19 -0.88 12.59
CA THR B 108 6.22 -1.33 11.17
C THR B 108 4.95 -0.87 10.45
N VAL B 109 3.81 -1.11 11.06
CA VAL B 109 2.50 -0.68 10.51
C VAL B 109 2.41 0.86 10.49
N ALA B 110 2.77 1.53 11.57
CA ALA B 110 2.69 3.01 11.63
C ALA B 110 3.55 3.63 10.52
N ALA B 111 4.70 3.03 10.20
CA ALA B 111 5.62 3.54 9.18
C ALA B 111 5.11 3.21 7.75
N THR B 112 4.30 2.17 7.59
CA THR B 112 3.90 1.59 6.28
C THR B 112 2.63 2.26 5.75
N SER B 113 1.69 2.54 6.64
CA SER B 113 0.30 2.91 6.35
C SER B 113 0.07 4.39 6.68
N HIS B 114 -0.86 4.99 5.97
CA HIS B 114 -1.33 6.37 6.15
C HIS B 114 -2.47 6.38 7.20
N LEU B 115 -2.99 5.21 7.54
CA LEU B 115 -4.23 5.17 8.36
C LEU B 115 -3.89 5.38 9.84
N PRO B 116 -4.90 5.79 10.64
CA PRO B 116 -4.80 5.79 12.10
C PRO B 116 -4.55 4.35 12.59
N VAL B 117 -3.53 4.16 13.43
CA VAL B 117 -3.17 2.82 13.93
C VAL B 117 -3.62 2.64 15.40
N LEU B 118 -4.33 1.55 15.68
CA LEU B 118 -4.83 1.17 17.01
C LEU B 118 -3.87 0.14 17.64
N CYS B 119 -3.29 0.44 18.83
CA CYS B 119 -2.58 -0.56 19.67
C CYS B 119 -3.65 -1.39 20.37
N LYS B 120 -3.72 -2.64 19.97
CA LYS B 120 -4.63 -3.67 20.51
C LYS B 120 -3.83 -4.40 21.59
N ASP B 121 -4.04 -4.01 22.82
CA ASP B 121 -3.31 -4.54 23.98
C ASP B 121 -4.35 -4.59 25.09
N PHE B 122 -4.03 -5.30 26.15
CA PHE B 122 -4.78 -5.30 27.42
C PHE B 122 -4.10 -4.29 28.32
N ILE B 123 -4.58 -3.04 28.26
CA ILE B 123 -3.90 -1.88 28.89
C ILE B 123 -4.40 -1.75 30.34
N ILE B 124 -3.46 -1.80 31.28
CA ILE B 124 -3.75 -1.74 32.74
C ILE B 124 -2.79 -0.77 33.44
N ASP B 125 -1.81 -0.19 32.74
CA ASP B 125 -0.74 0.63 33.37
C ASP B 125 -0.35 1.73 32.40
N PRO B 126 -0.08 2.95 32.89
CA PRO B 126 0.27 4.07 32.01
C PRO B 126 1.47 3.80 31.09
N VAL B 127 2.40 2.91 31.46
CA VAL B 127 3.62 2.66 30.64
C VAL B 127 3.17 2.14 29.26
N GLN B 128 2.04 1.44 29.21
CA GLN B 128 1.53 0.82 27.96
C GLN B 128 1.01 1.92 27.04
N VAL B 129 0.45 2.97 27.62
CA VAL B 129 -0.02 4.13 26.83
C VAL B 129 1.21 4.87 26.28
N HIS B 130 2.22 5.11 27.11
CA HIS B 130 3.47 5.79 26.67
C HIS B 130 4.14 5.00 25.54
N ALA B 131 4.26 3.67 25.71
CA ALA B 131 4.89 2.78 24.71
C ALA B 131 4.09 2.88 23.39
N ALA B 132 2.77 2.76 23.48
CA ALA B 132 1.88 2.84 22.31
C ALA B 132 2.24 4.09 21.51
N ARG B 133 2.35 5.24 22.15
CA ARG B 133 2.58 6.51 21.40
C ARG B 133 3.98 6.46 20.79
N TYR B 134 4.99 6.08 21.58
CA TYR B 134 6.40 6.06 21.15
C TYR B 134 6.53 5.17 19.91
N PHE B 135 5.81 4.04 19.85
CA PHE B 135 5.94 3.07 18.74
C PHE B 135 4.88 3.39 17.67
N GLY B 136 4.20 4.53 17.76
CA GLY B 136 3.52 5.12 16.59
C GLY B 136 2.02 4.93 16.59
N ALA B 137 1.40 4.52 17.69
CA ALA B 137 -0.07 4.36 17.75
C ALA B 137 -0.75 5.73 17.62
N ASP B 138 -1.98 5.73 17.10
CA ASP B 138 -2.87 6.92 17.08
C ASP B 138 -4.05 6.70 18.03
N ALA B 139 -4.27 5.46 18.45
CA ALA B 139 -5.47 5.04 19.22
C ALA B 139 -5.10 3.89 20.16
N ILE B 140 -5.80 3.75 21.28
CA ILE B 140 -5.60 2.60 22.20
C ILE B 140 -6.97 2.02 22.54
N LEU B 141 -6.95 0.76 22.94
CA LEU B 141 -8.11 0.01 23.50
C LEU B 141 -8.07 0.14 25.03
N LEU B 142 -9.18 0.54 25.65
CA LEU B 142 -9.40 0.40 27.11
C LEU B 142 -10.66 -0.45 27.29
N MET B 143 -10.60 -1.46 28.16
CA MET B 143 -11.66 -2.48 28.27
C MET B 143 -12.35 -2.30 29.63
N LEU B 144 -13.65 -2.00 29.61
CA LEU B 144 -14.46 -1.87 30.85
C LEU B 144 -14.61 -3.25 31.52
N SER B 145 -14.36 -4.35 30.81
CA SER B 145 -14.33 -5.71 31.44
C SER B 145 -13.09 -5.83 32.34
N VAL B 146 -12.08 -4.95 32.17
CA VAL B 146 -10.77 -5.05 32.88
C VAL B 146 -10.64 -3.90 33.89
N LEU B 147 -11.16 -2.72 33.58
CA LEU B 147 -10.85 -1.46 34.32
C LEU B 147 -12.10 -1.02 35.07
N ASP B 148 -11.95 -0.59 36.32
CA ASP B 148 -13.00 0.15 37.07
C ASP B 148 -13.00 1.62 36.57
N ASP B 149 -14.06 2.39 36.87
CA ASP B 149 -14.23 3.81 36.43
C ASP B 149 -12.97 4.64 36.71
N GLU B 150 -12.27 4.40 37.81
CA GLU B 150 -11.12 5.22 38.26
C GLU B 150 -9.89 4.83 37.42
N GLU B 151 -9.73 3.54 37.15
CA GLU B 151 -8.58 3.02 36.39
C GLU B 151 -8.74 3.53 34.95
N TYR B 152 -9.94 3.36 34.38
CA TYR B 152 -10.28 3.85 33.04
C TYR B 152 -9.95 5.34 32.93
N ALA B 153 -10.40 6.18 33.87
CA ALA B 153 -10.25 7.67 33.75
C ALA B 153 -8.78 8.05 33.84
N ALA B 154 -8.00 7.41 34.72
CA ALA B 154 -6.54 7.71 34.82
C ALA B 154 -5.88 7.37 33.48
N LEU B 155 -6.23 6.25 32.86
CA LEU B 155 -5.59 5.78 31.61
C LEU B 155 -6.07 6.62 30.42
N ALA B 156 -7.32 7.02 30.39
CA ALA B 156 -7.92 7.87 29.32
C ALA B 156 -7.29 9.28 29.36
N ALA B 157 -6.95 9.78 30.54
CA ALA B 157 -6.29 11.10 30.75
C ALA B 157 -4.84 11.02 30.25
N GLU B 158 -4.12 9.93 30.52
CA GLU B 158 -2.79 9.67 29.93
C GLU B 158 -2.91 9.69 28.39
N ALA B 159 -3.95 9.05 27.87
CA ALA B 159 -4.16 8.92 26.41
C ALA B 159 -4.37 10.31 25.81
N ALA B 160 -5.21 11.12 26.45
CA ALA B 160 -5.52 12.51 26.03
C ALA B 160 -4.24 13.37 26.03
N ARG B 161 -3.27 13.16 26.91
CA ARG B 161 -2.00 13.92 26.82
C ARG B 161 -1.38 13.77 25.43
N PHE B 162 -1.56 12.65 24.75
CA PHE B 162 -0.85 12.37 23.47
C PHE B 162 -1.78 12.40 22.25
N ASP B 163 -3.01 12.90 22.36
CA ASP B 163 -4.04 12.93 21.30
C ASP B 163 -4.36 11.52 20.79
N LEU B 164 -4.26 10.52 21.68
CA LEU B 164 -4.63 9.10 21.38
C LEU B 164 -6.13 8.98 21.50
N ASP B 165 -6.79 8.55 20.44
CA ASP B 165 -8.23 8.17 20.49
C ASP B 165 -8.36 6.90 21.34
N ILE B 166 -9.54 6.70 21.92
CA ILE B 166 -9.83 5.50 22.74
C ILE B 166 -10.96 4.70 22.11
N LEU B 167 -10.67 3.43 21.80
CA LEU B 167 -11.70 2.41 21.56
C LEU B 167 -12.09 1.85 22.93
N THR B 168 -13.27 2.24 23.41
CA THR B 168 -13.87 1.77 24.68
C THR B 168 -14.62 0.46 24.43
N GLU B 169 -14.07 -0.67 24.88
CA GLU B 169 -14.68 -2.00 24.65
C GLU B 169 -15.77 -2.26 25.70
N VAL B 170 -16.95 -2.63 25.24
CA VAL B 170 -18.15 -2.93 26.06
C VAL B 170 -18.70 -4.28 25.62
N ILE B 171 -19.26 -5.04 26.57
CA ILE B 171 -19.86 -6.39 26.27
C ILE B 171 -21.29 -6.51 26.80
N ASP B 172 -21.80 -5.56 27.57
CA ASP B 172 -23.17 -5.65 28.15
C ASP B 172 -23.71 -4.25 28.50
N GLU B 173 -24.97 -4.20 28.93
CA GLU B 173 -25.74 -2.97 29.21
C GLU B 173 -25.04 -2.19 30.33
N GLU B 174 -24.55 -2.88 31.36
CA GLU B 174 -23.79 -2.30 32.51
C GLU B 174 -22.59 -1.50 31.98
N GLU B 175 -21.87 -2.07 31.01
CA GLU B 175 -20.61 -1.49 30.49
C GLU B 175 -20.94 -0.30 29.59
N VAL B 176 -21.98 -0.37 28.77
CA VAL B 176 -22.35 0.80 27.92
C VAL B 176 -22.74 1.97 28.83
N ALA B 177 -23.53 1.74 29.89
CA ALA B 177 -23.92 2.81 30.83
C ALA B 177 -22.66 3.47 31.39
N ARG B 178 -21.69 2.67 31.85
CA ARG B 178 -20.39 3.18 32.39
C ARG B 178 -19.67 4.00 31.30
N ALA B 179 -19.69 3.53 30.06
CA ALA B 179 -18.96 4.16 28.92
C ALA B 179 -19.55 5.55 28.62
N ILE B 180 -20.88 5.64 28.64
CA ILE B 180 -21.62 6.95 28.46
C ILE B 180 -21.18 7.88 29.60
N LYS B 181 -21.18 7.42 30.86
CA LYS B 181 -20.84 8.28 32.02
C LYS B 181 -19.37 8.69 31.94
N LEU B 182 -18.49 7.83 31.42
CA LEU B 182 -17.03 8.14 31.31
C LEU B 182 -16.75 9.08 30.12
N GLY B 183 -17.73 9.33 29.24
CA GLY B 183 -17.61 10.26 28.09
C GLY B 183 -17.05 9.61 26.83
N ALA B 184 -17.29 8.30 26.60
CA ALA B 184 -16.60 7.53 25.56
C ALA B 184 -17.11 7.96 24.19
N LYS B 185 -16.22 8.15 23.22
CA LYS B 185 -16.62 8.65 21.89
C LYS B 185 -16.71 7.49 20.89
N ILE B 186 -16.02 6.37 21.16
CA ILE B 186 -15.99 5.18 20.24
C ILE B 186 -16.32 3.93 21.05
N PHE B 187 -17.49 3.34 20.80
CA PHE B 187 -17.99 2.12 21.46
C PHE B 187 -17.56 0.91 20.62
N GLY B 188 -16.75 0.03 21.21
CA GLY B 188 -16.37 -1.25 20.59
C GLY B 188 -17.20 -2.37 21.18
N VAL B 189 -18.21 -2.85 20.46
CA VAL B 189 -19.06 -3.95 20.96
C VAL B 189 -18.37 -5.24 20.56
N ASN B 190 -17.84 -5.98 21.53
CA ASN B 190 -17.21 -7.28 21.21
C ASN B 190 -18.31 -8.33 21.08
N HIS B 191 -18.46 -8.91 19.90
CA HIS B 191 -19.34 -10.08 19.70
C HIS B 191 -18.80 -11.27 20.50
N ARG B 192 -17.51 -11.27 20.82
CA ARG B 192 -16.85 -12.37 21.56
C ARG B 192 -16.86 -12.07 23.04
N ASN B 193 -17.36 -13.03 23.81
CA ASN B 193 -17.19 -13.13 25.28
C ASN B 193 -15.78 -13.62 25.55
N LEU B 194 -14.98 -12.84 26.26
CA LEU B 194 -13.53 -13.14 26.52
C LEU B 194 -13.34 -14.02 27.76
N HIS B 195 -14.41 -14.45 28.42
CA HIS B 195 -14.37 -15.44 29.52
C HIS B 195 -14.60 -16.85 29.01
N ASP B 196 -15.61 -17.05 28.17
CA ASP B 196 -15.94 -18.40 27.62
C ASP B 196 -15.64 -18.46 26.10
N LEU B 197 -15.17 -17.36 25.48
CA LEU B 197 -14.75 -17.31 24.05
C LEU B 197 -15.94 -17.54 23.09
N SER B 198 -17.17 -17.57 23.59
CA SER B 198 -18.38 -17.69 22.71
C SER B 198 -18.56 -16.41 21.89
N ILE B 199 -19.15 -16.53 20.71
CA ILE B 199 -19.40 -15.40 19.78
C ILE B 199 -20.91 -15.22 19.67
N ASP B 200 -21.40 -14.00 19.88
CA ASP B 200 -22.82 -13.65 19.65
C ASP B 200 -22.88 -12.46 18.68
N LEU B 201 -23.06 -12.74 17.39
CA LEU B 201 -23.04 -11.70 16.33
C LEU B 201 -24.20 -10.71 16.50
N ASP B 202 -25.28 -11.15 17.17
CA ASP B 202 -26.49 -10.35 17.49
C ASP B 202 -26.19 -9.36 18.64
N ARG B 203 -25.01 -9.37 19.27
CA ARG B 203 -24.78 -8.47 20.44
C ARG B 203 -24.65 -7.00 20.02
N SER B 204 -24.16 -6.70 18.80
CA SER B 204 -24.00 -5.29 18.36
C SER B 204 -25.39 -4.69 18.11
N ARG B 205 -26.29 -5.43 17.49
CA ARG B 205 -27.71 -5.00 17.29
C ARG B 205 -28.33 -4.66 18.65
N ARG B 206 -28.18 -5.55 19.65
CA ARG B 206 -28.79 -5.36 20.98
C ARG B 206 -28.16 -4.16 21.67
N LEU B 207 -26.83 -4.03 21.72
CA LEU B 207 -26.27 -2.90 22.50
C LEU B 207 -26.44 -1.58 21.73
N SER B 208 -26.68 -1.60 20.41
CA SER B 208 -26.87 -0.37 19.59
C SER B 208 -28.12 0.41 20.04
N LYS B 209 -29.12 -0.27 20.62
CA LYS B 209 -30.36 0.35 21.18
C LYS B 209 -30.02 1.21 22.41
N LEU B 210 -28.89 0.98 23.10
CA LEU B 210 -28.54 1.72 24.34
C LEU B 210 -27.40 2.71 24.07
N ILE B 211 -26.65 2.53 22.99
CA ILE B 211 -25.47 3.39 22.69
C ILE B 211 -25.99 4.68 22.06
N PRO B 212 -25.51 5.88 22.45
CA PRO B 212 -25.97 7.14 21.84
C PRO B 212 -25.93 7.12 20.30
N ALA B 213 -27.01 7.56 19.66
CA ALA B 213 -27.23 7.51 18.21
C ALA B 213 -26.13 8.29 17.47
N ASP B 214 -25.55 9.30 18.12
CA ASP B 214 -24.51 10.20 17.53
C ASP B 214 -23.10 9.64 17.79
N ALA B 215 -22.99 8.50 18.47
CA ALA B 215 -21.69 7.92 18.87
C ALA B 215 -21.24 6.95 17.78
N VAL B 216 -19.92 6.77 17.65
CA VAL B 216 -19.30 5.77 16.76
C VAL B 216 -19.45 4.39 17.43
N LEU B 217 -20.05 3.44 16.71
CA LEU B 217 -20.24 2.04 17.14
C LEU B 217 -19.40 1.15 16.23
N VAL B 218 -18.39 0.49 16.80
CA VAL B 218 -17.55 -0.53 16.10
C VAL B 218 -18.03 -1.94 16.51
N SER B 219 -18.48 -2.75 15.56
CA SER B 219 -18.83 -4.18 15.73
C SER B 219 -17.57 -5.06 15.57
N GLU B 220 -17.08 -5.65 16.65
CA GLU B 220 -15.80 -6.40 16.66
C GLU B 220 -16.03 -7.92 16.75
N SER B 221 -15.20 -8.68 16.04
CA SER B 221 -14.93 -10.13 16.25
C SER B 221 -15.94 -11.00 15.52
N GLY B 222 -15.47 -12.13 15.01
CA GLY B 222 -16.36 -13.19 14.48
C GLY B 222 -16.95 -12.84 13.13
N VAL B 223 -16.58 -11.73 12.50
CA VAL B 223 -17.19 -11.41 11.17
C VAL B 223 -16.39 -12.13 10.10
N ARG B 224 -17.02 -13.06 9.38
CA ARG B 224 -16.32 -13.98 8.41
C ARG B 224 -16.71 -13.68 6.97
N ASP B 225 -17.85 -13.02 6.70
CA ASP B 225 -18.39 -12.90 5.32
C ASP B 225 -19.21 -11.63 5.15
N THR B 226 -19.47 -11.31 3.90
CA THR B 226 -20.17 -10.07 3.47
C THR B 226 -21.65 -10.12 3.88
N GLU B 227 -22.28 -11.31 3.89
CA GLU B 227 -23.71 -11.44 4.33
C GLU B 227 -23.80 -10.91 5.76
N THR B 228 -22.82 -11.19 6.62
CA THR B 228 -22.79 -10.69 8.03
C THR B 228 -22.63 -9.16 8.04
N VAL B 229 -21.75 -8.63 7.19
CA VAL B 229 -21.47 -7.18 7.10
C VAL B 229 -22.77 -6.47 6.72
N ARG B 230 -23.46 -7.02 5.72
CA ARG B 230 -24.66 -6.42 5.09
C ARG B 230 -25.82 -6.46 6.11
N GLN B 231 -25.81 -7.45 7.01
CA GLN B 231 -26.87 -7.63 8.04
C GLN B 231 -26.60 -6.70 9.21
N LEU B 232 -25.32 -6.50 9.57
CA LEU B 232 -24.95 -5.74 10.79
C LEU B 232 -24.73 -4.27 10.44
N GLY B 233 -24.59 -3.96 9.15
CA GLY B 233 -24.13 -2.66 8.64
C GLY B 233 -25.01 -1.52 9.11
N GLY B 234 -26.33 -1.73 9.15
CA GLY B 234 -27.32 -0.68 9.46
C GLY B 234 -27.15 -0.11 10.86
N HIS B 235 -26.61 -0.86 11.80
CA HIS B 235 -26.43 -0.38 13.20
C HIS B 235 -24.95 -0.11 13.52
N SER B 236 -24.06 -0.19 12.54
CA SER B 236 -22.57 -0.09 12.70
C SER B 236 -21.99 1.08 11.91
N ASN B 237 -21.10 1.84 12.53
CA ASN B 237 -20.16 2.74 11.84
C ASN B 237 -19.07 1.92 11.16
N ALA B 238 -18.63 0.82 11.81
CA ALA B 238 -17.38 0.13 11.43
C ALA B 238 -17.37 -1.33 11.91
N PHE B 239 -16.52 -2.12 11.31
CA PHE B 239 -16.27 -3.52 11.72
C PHE B 239 -14.78 -3.63 12.01
N LEU B 240 -14.46 -4.41 13.02
CA LEU B 240 -13.08 -4.83 13.29
C LEU B 240 -12.96 -6.33 13.00
N VAL B 241 -12.11 -6.64 12.04
CA VAL B 241 -11.96 -7.96 11.39
C VAL B 241 -10.47 -8.28 11.38
N GLY B 242 -10.14 -9.50 11.82
CA GLY B 242 -8.75 -9.98 11.94
C GLY B 242 -8.59 -11.31 11.25
N SER B 243 -9.04 -12.40 11.88
CA SER B 243 -8.62 -13.76 11.48
C SER B 243 -9.22 -14.15 10.13
N GLN B 244 -10.39 -13.65 9.76
CA GLN B 244 -10.93 -13.90 8.40
C GLN B 244 -9.89 -13.47 7.35
N LEU B 245 -9.14 -12.41 7.63
CA LEU B 245 -8.15 -11.84 6.68
C LEU B 245 -6.81 -12.56 6.87
N THR B 246 -6.28 -12.65 8.09
CA THR B 246 -4.89 -13.14 8.28
C THR B 246 -4.78 -14.67 8.19
N SER B 247 -5.88 -15.40 8.22
CA SER B 247 -5.89 -16.87 8.07
C SER B 247 -5.77 -17.28 6.59
N GLN B 248 -5.91 -16.35 5.63
CA GLN B 248 -5.92 -16.63 4.16
C GLN B 248 -4.53 -16.32 3.60
N GLU B 249 -4.00 -17.17 2.74
CA GLU B 249 -2.68 -16.95 2.09
C GLU B 249 -2.66 -15.57 1.41
N ASN B 250 -3.69 -15.25 0.62
CA ASN B 250 -3.74 -14.01 -0.18
C ASN B 250 -4.67 -13.05 0.53
N VAL B 251 -4.09 -12.13 1.28
CA VAL B 251 -4.86 -11.21 2.17
C VAL B 251 -5.61 -10.20 1.31
N ASP B 252 -5.08 -9.80 0.16
CA ASP B 252 -5.77 -8.80 -0.72
C ASP B 252 -7.05 -9.43 -1.28
N LEU B 253 -6.99 -10.69 -1.72
CA LEU B 253 -8.19 -11.36 -2.24
C LEU B 253 -9.22 -11.56 -1.11
N ALA B 254 -8.77 -11.86 0.10
CA ALA B 254 -9.66 -12.10 1.25
C ALA B 254 -10.34 -10.78 1.66
N ALA B 255 -9.62 -9.65 1.60
CA ALA B 255 -10.14 -8.30 1.89
C ALA B 255 -11.26 -7.94 0.91
N ARG B 256 -11.05 -8.13 -0.40
CA ARG B 256 -12.07 -7.90 -1.44
C ARG B 256 -13.28 -8.81 -1.18
N GLU B 257 -13.04 -10.10 -0.95
CA GLU B 257 -14.09 -11.11 -0.72
C GLU B 257 -14.96 -10.68 0.47
N LEU B 258 -14.34 -10.11 1.51
CA LEU B 258 -15.08 -9.71 2.72
C LEU B 258 -15.81 -8.40 2.48
N VAL B 259 -15.16 -7.36 1.94
CA VAL B 259 -15.72 -5.98 1.82
C VAL B 259 -16.82 -5.94 0.78
N TYR B 260 -16.56 -6.53 -0.39
CA TYR B 260 -17.38 -6.42 -1.63
C TYR B 260 -18.20 -7.67 -1.86
N GLY B 261 -17.72 -8.82 -1.40
CA GLY B 261 -18.38 -10.10 -1.66
C GLY B 261 -17.73 -10.80 -2.84
N PRO B 262 -18.13 -12.06 -3.09
CA PRO B 262 -17.53 -12.85 -4.16
C PRO B 262 -18.08 -12.45 -5.55
N ASN B 263 -17.82 -11.22 -6.01
CA ASN B 263 -18.33 -10.74 -7.32
C ASN B 263 -17.37 -11.05 -8.45
N LYS B 264 -17.97 -11.22 -9.63
CA LYS B 264 -17.27 -11.52 -10.90
C LYS B 264 -17.55 -10.41 -11.93
N VAL B 265 -16.49 -9.99 -12.60
CA VAL B 265 -16.55 -9.15 -13.80
C VAL B 265 -16.22 -10.09 -14.95
N CYS B 266 -17.26 -10.46 -15.71
CA CYS B 266 -17.15 -11.45 -16.80
C CYS B 266 -16.78 -10.75 -18.11
N GLY B 267 -16.38 -11.54 -19.11
CA GLY B 267 -16.14 -11.05 -20.47
C GLY B 267 -15.00 -10.07 -20.53
N LEU B 268 -13.95 -10.33 -19.75
CA LEU B 268 -12.70 -9.54 -19.83
C LEU B 268 -12.00 -9.84 -21.15
N THR B 269 -11.56 -8.82 -21.89
CA THR B 269 -10.91 -8.99 -23.22
C THR B 269 -9.60 -8.18 -23.30
N SER B 270 -9.19 -7.51 -22.22
CA SER B 270 -7.93 -6.73 -22.19
C SER B 270 -7.29 -6.78 -20.81
N PRO B 271 -5.94 -6.69 -20.77
CA PRO B 271 -5.22 -6.58 -19.52
C PRO B 271 -5.65 -5.38 -18.65
N SER B 272 -5.87 -4.19 -19.22
CA SER B 272 -6.27 -2.99 -18.43
C SER B 272 -7.66 -3.18 -17.80
N ALA B 273 -8.58 -3.88 -18.45
CA ALA B 273 -9.92 -4.15 -17.89
C ALA B 273 -9.83 -5.02 -16.61
N ALA B 274 -9.06 -6.10 -16.69
CA ALA B 274 -8.76 -7.02 -15.58
C ALA B 274 -8.12 -6.25 -14.42
N GLN B 275 -7.13 -5.40 -14.68
CA GLN B 275 -6.43 -4.57 -13.65
C GLN B 275 -7.44 -3.62 -13.01
N THR B 276 -8.31 -3.03 -13.82
CA THR B 276 -9.36 -2.10 -13.32
C THR B 276 -10.37 -2.88 -12.47
N ALA B 277 -10.79 -4.06 -12.92
CA ALA B 277 -11.77 -4.87 -12.17
C ALA B 277 -11.18 -5.23 -10.80
N ARG B 278 -9.93 -5.66 -10.74
CA ARG B 278 -9.24 -6.04 -9.47
C ARG B 278 -9.14 -4.82 -8.56
N ALA B 279 -8.69 -3.68 -9.09
CA ALA B 279 -8.55 -2.44 -8.30
C ALA B 279 -9.89 -2.03 -7.72
N ALA B 280 -10.98 -2.14 -8.49
CA ALA B 280 -12.33 -1.69 -8.09
C ALA B 280 -12.85 -2.51 -6.90
N GLY B 281 -12.48 -3.78 -6.85
CA GLY B 281 -12.89 -4.69 -5.77
C GLY B 281 -13.28 -6.10 -6.24
N ALA B 282 -13.23 -6.42 -7.55
CA ALA B 282 -13.68 -7.74 -8.03
C ALA B 282 -12.77 -8.84 -7.47
N VAL B 283 -13.37 -9.99 -7.16
CA VAL B 283 -12.67 -11.23 -6.71
C VAL B 283 -12.42 -12.10 -7.94
N TYR B 284 -13.42 -12.29 -8.79
CA TYR B 284 -13.35 -13.14 -10.00
C TYR B 284 -13.30 -12.29 -11.27
N GLY B 285 -12.60 -12.80 -12.27
CA GLY B 285 -12.61 -12.28 -13.65
C GLY B 285 -13.01 -13.40 -14.59
N GLY B 286 -13.99 -13.13 -15.46
CA GLY B 286 -14.46 -14.11 -16.47
C GLY B 286 -13.78 -13.95 -17.79
N LEU B 287 -13.41 -15.06 -18.40
CA LEU B 287 -12.83 -15.13 -19.77
C LEU B 287 -13.70 -16.06 -20.60
N ILE B 288 -14.20 -15.61 -21.74
CA ILE B 288 -15.18 -16.40 -22.53
C ILE B 288 -14.47 -17.11 -23.68
N PHE B 289 -14.72 -18.42 -23.78
CA PHE B 289 -14.19 -19.35 -24.81
C PHE B 289 -15.37 -19.92 -25.62
N GLU B 290 -15.83 -19.12 -26.57
CA GLU B 290 -16.97 -19.40 -27.49
C GLU B 290 -16.74 -18.55 -28.73
N GLU B 291 -16.50 -19.18 -29.88
CA GLU B 291 -16.20 -18.50 -31.17
C GLU B 291 -17.38 -17.59 -31.56
N ALA B 292 -18.61 -17.92 -31.14
CA ALA B 292 -19.83 -17.12 -31.39
C ALA B 292 -19.78 -15.77 -30.65
N SER B 293 -19.06 -15.68 -29.51
CA SER B 293 -19.10 -14.49 -28.61
C SER B 293 -18.21 -13.36 -29.12
N PRO B 294 -18.70 -12.10 -29.09
CA PRO B 294 -17.84 -10.95 -29.31
C PRO B 294 -16.76 -10.80 -28.22
N ARG B 295 -16.89 -11.52 -27.10
CA ARG B 295 -15.96 -11.44 -25.93
C ARG B 295 -15.01 -12.64 -25.93
N ASN B 296 -14.96 -13.37 -27.05
CA ASN B 296 -14.16 -14.59 -27.18
C ASN B 296 -12.69 -14.18 -27.03
N VAL B 297 -11.90 -14.91 -26.25
CA VAL B 297 -10.48 -14.54 -26.06
C VAL B 297 -9.62 -15.66 -26.66
N SER B 298 -8.58 -15.27 -27.41
CA SER B 298 -7.53 -16.17 -27.93
C SER B 298 -6.71 -16.71 -26.77
N ARG B 299 -6.03 -17.83 -26.99
CA ARG B 299 -4.94 -18.38 -26.13
C ARG B 299 -3.95 -17.26 -25.73
N GLU B 300 -3.51 -16.44 -26.70
CA GLU B 300 -2.44 -15.42 -26.46
C GLU B 300 -2.99 -14.31 -25.55
N THR B 301 -4.20 -13.81 -25.82
CA THR B 301 -4.84 -12.71 -25.05
C THR B 301 -5.07 -13.20 -23.62
N LEU B 302 -5.58 -14.42 -23.47
CA LEU B 302 -5.83 -15.07 -22.15
C LEU B 302 -4.56 -14.93 -21.29
N GLN B 303 -3.40 -15.27 -21.85
CA GLN B 303 -2.16 -15.36 -21.03
C GLN B 303 -1.63 -13.95 -20.73
N LYS B 304 -1.86 -12.98 -21.62
CA LYS B 304 -1.57 -11.54 -21.36
C LYS B 304 -2.46 -11.01 -20.21
N ILE B 305 -3.76 -11.33 -20.20
CA ILE B 305 -4.70 -10.84 -19.16
C ILE B 305 -4.24 -11.38 -17.80
N ILE B 306 -4.04 -12.69 -17.69
CA ILE B 306 -3.66 -13.35 -16.41
C ILE B 306 -2.34 -12.77 -15.90
N ALA B 307 -1.33 -12.63 -16.76
CA ALA B 307 0.00 -12.13 -16.36
C ALA B 307 -0.11 -10.66 -15.93
N ALA B 308 -0.98 -9.87 -16.57
CA ALA B 308 -1.14 -8.43 -16.26
C ALA B 308 -1.88 -8.23 -14.93
N GLU B 309 -2.73 -9.17 -14.51
CA GLU B 309 -3.48 -9.08 -13.24
C GLU B 309 -3.67 -10.46 -12.67
N PRO B 310 -2.63 -11.01 -12.01
CA PRO B 310 -2.73 -12.37 -11.46
C PRO B 310 -3.53 -12.48 -10.15
N ASN B 311 -4.02 -11.37 -9.61
CA ASN B 311 -4.76 -11.31 -8.32
C ASN B 311 -6.29 -11.33 -8.49
N LEU B 312 -6.78 -11.71 -9.66
CA LEU B 312 -8.20 -12.13 -9.78
C LEU B 312 -8.16 -13.66 -9.81
N ARG B 313 -9.20 -14.32 -9.33
CA ARG B 313 -9.42 -15.75 -9.66
C ARG B 313 -10.15 -15.82 -10.99
N TYR B 314 -9.51 -16.41 -11.98
CA TYR B 314 -10.07 -16.47 -13.35
C TYR B 314 -10.99 -17.66 -13.52
N VAL B 315 -12.08 -17.41 -14.23
CA VAL B 315 -13.17 -18.37 -14.51
C VAL B 315 -13.29 -18.52 -16.04
N ALA B 316 -13.01 -19.72 -16.55
CA ALA B 316 -13.17 -20.08 -17.99
C ALA B 316 -14.66 -20.36 -18.28
N VAL B 317 -15.26 -19.58 -19.17
CA VAL B 317 -16.72 -19.65 -19.44
C VAL B 317 -16.90 -20.20 -20.84
N SER B 318 -17.69 -21.27 -21.00
CA SER B 318 -17.95 -21.93 -22.30
C SER B 318 -19.38 -22.45 -22.37
N ARG B 319 -19.98 -22.49 -23.57
CA ARG B 319 -21.29 -23.14 -23.86
C ARG B 319 -21.12 -24.64 -24.17
N ARG B 320 -19.90 -25.13 -24.36
CA ARG B 320 -19.61 -26.56 -24.64
C ARG B 320 -20.13 -27.41 -23.48
N THR B 321 -20.45 -28.68 -23.74
CA THR B 321 -20.88 -29.67 -22.72
C THR B 321 -19.72 -30.60 -22.30
N SER B 322 -18.62 -30.57 -23.04
CA SER B 322 -17.38 -31.35 -22.76
C SER B 322 -16.19 -30.62 -23.42
N GLY B 323 -14.96 -31.04 -23.09
CA GLY B 323 -13.72 -30.39 -23.58
C GLY B 323 -13.30 -29.24 -22.67
N TYR B 324 -13.57 -29.34 -21.36
CA TYR B 324 -13.23 -28.28 -20.37
C TYR B 324 -11.73 -28.35 -20.04
N LYS B 325 -11.09 -29.50 -20.29
CA LYS B 325 -9.66 -29.76 -19.95
C LYS B 325 -8.77 -28.80 -20.75
N ASP B 326 -9.11 -28.49 -22.01
CA ASP B 326 -8.21 -27.66 -22.85
C ASP B 326 -8.61 -26.18 -22.77
N LEU B 327 -9.43 -25.80 -21.79
CA LEU B 327 -9.55 -24.39 -21.35
C LEU B 327 -8.54 -24.12 -20.21
N LEU B 328 -8.04 -25.16 -19.52
CA LEU B 328 -7.19 -24.97 -18.32
C LEU B 328 -5.79 -24.50 -18.70
N VAL B 329 -5.38 -23.34 -18.16
CA VAL B 329 -3.98 -22.85 -18.02
C VAL B 329 -3.81 -22.42 -16.57
N ASP B 330 -2.57 -22.16 -16.16
CA ASP B 330 -2.22 -21.68 -14.80
C ASP B 330 -3.02 -20.39 -14.57
N GLY B 331 -3.69 -20.27 -13.42
CA GLY B 331 -4.47 -19.07 -13.05
C GLY B 331 -5.97 -19.28 -13.20
N ILE B 332 -6.39 -20.27 -14.00
CA ILE B 332 -7.81 -20.73 -14.10
C ILE B 332 -8.21 -21.35 -12.76
N PHE B 333 -9.03 -20.63 -11.97
CA PHE B 333 -9.55 -21.04 -10.64
C PHE B 333 -10.81 -21.91 -10.82
N ALA B 334 -11.63 -21.62 -11.83
CA ALA B 334 -12.95 -22.25 -11.98
C ALA B 334 -13.30 -22.41 -13.46
N VAL B 335 -14.24 -23.31 -13.76
CA VAL B 335 -14.91 -23.34 -15.07
C VAL B 335 -16.38 -23.06 -14.88
N GLN B 336 -16.96 -22.32 -15.81
CA GLN B 336 -18.40 -21.96 -15.75
C GLN B 336 -19.11 -22.68 -16.90
N ILE B 337 -19.95 -23.64 -16.55
CA ILE B 337 -20.72 -24.42 -17.56
C ILE B 337 -21.87 -23.52 -17.99
N HIS B 338 -21.80 -22.96 -19.19
CA HIS B 338 -22.81 -22.02 -19.73
C HIS B 338 -23.50 -22.66 -20.94
N ALA B 339 -23.52 -23.99 -20.97
CA ALA B 339 -24.32 -24.83 -21.88
C ALA B 339 -25.79 -24.51 -21.70
N PRO B 340 -26.58 -24.51 -22.81
CA PRO B 340 -28.02 -24.42 -22.73
C PRO B 340 -28.49 -25.48 -21.74
N LEU B 341 -29.56 -25.20 -21.01
CA LEU B 341 -30.12 -26.10 -19.97
C LEU B 341 -30.41 -27.48 -20.58
N GLN B 342 -30.07 -28.57 -19.89
CA GLN B 342 -30.22 -29.96 -20.40
C GLN B 342 -31.71 -30.37 -20.27
N ASP B 343 -32.06 -31.58 -20.71
CA ASP B 343 -33.46 -32.04 -20.86
C ASP B 343 -34.14 -32.24 -19.50
N SER B 344 -33.38 -32.64 -18.46
CA SER B 344 -33.86 -33.04 -17.11
C SER B 344 -32.81 -32.74 -16.04
N VAL B 345 -33.19 -32.85 -14.76
CA VAL B 345 -32.28 -32.71 -13.60
C VAL B 345 -31.12 -33.71 -13.72
N GLU B 346 -31.43 -34.95 -14.06
CA GLU B 346 -30.43 -36.05 -14.03
C GLU B 346 -29.36 -35.76 -15.09
N ALA B 347 -29.74 -35.25 -16.26
CA ALA B 347 -28.79 -34.88 -17.33
C ALA B 347 -27.91 -33.70 -16.85
N GLU B 348 -28.43 -32.81 -15.98
CA GLU B 348 -27.68 -31.67 -15.37
C GLU B 348 -26.64 -32.18 -14.37
N LYS B 349 -27.05 -32.94 -13.36
CA LYS B 349 -26.14 -33.62 -12.38
C LYS B 349 -25.03 -34.40 -13.12
N ALA B 350 -25.37 -35.06 -14.23
CA ALA B 350 -24.42 -35.93 -14.95
C ALA B 350 -23.48 -35.07 -15.81
N LEU B 351 -23.99 -33.95 -16.36
CA LEU B 351 -23.17 -32.95 -17.08
C LEU B 351 -22.11 -32.39 -16.10
N ILE B 352 -22.50 -32.11 -14.87
CA ILE B 352 -21.61 -31.49 -13.83
C ILE B 352 -20.59 -32.53 -13.36
N ALA B 353 -21.01 -33.76 -13.05
CA ALA B 353 -20.14 -34.89 -12.65
C ALA B 353 -19.05 -35.06 -13.72
N ALA B 354 -19.42 -35.02 -15.00
CA ALA B 354 -18.49 -35.25 -16.14
C ALA B 354 -17.49 -34.10 -16.24
N VAL B 355 -17.90 -32.87 -15.91
CA VAL B 355 -17.01 -31.68 -15.93
C VAL B 355 -16.06 -31.80 -14.75
N ARG B 356 -16.54 -32.20 -13.56
CA ARG B 356 -15.69 -32.45 -12.36
C ARG B 356 -14.50 -33.34 -12.71
N GLU B 357 -14.76 -34.39 -13.51
CA GLU B 357 -13.79 -35.46 -13.85
C GLU B 357 -12.79 -34.93 -14.89
N GLU B 358 -13.23 -34.10 -15.83
CA GLU B 358 -12.35 -33.44 -16.83
C GLU B 358 -11.34 -32.49 -16.14
N VAL B 359 -11.78 -31.66 -15.18
CA VAL B 359 -10.94 -30.54 -14.66
C VAL B 359 -10.21 -31.00 -13.40
N GLY B 360 -10.71 -32.06 -12.75
CA GLY B 360 -10.12 -32.62 -11.54
C GLY B 360 -10.41 -31.76 -10.33
N PRO B 361 -9.92 -32.17 -9.14
CA PRO B 361 -10.37 -31.56 -7.90
C PRO B 361 -9.78 -30.19 -7.52
N GLN B 362 -8.85 -29.60 -8.29
CA GLN B 362 -8.21 -28.28 -7.97
C GLN B 362 -8.95 -27.14 -8.68
N VAL B 363 -9.94 -27.45 -9.52
CA VAL B 363 -10.62 -26.46 -10.41
C VAL B 363 -12.10 -26.48 -10.03
N GLN B 364 -12.60 -25.35 -9.54
CA GLN B 364 -14.02 -25.25 -9.13
C GLN B 364 -14.86 -25.46 -10.40
N VAL B 365 -16.10 -25.91 -10.21
CA VAL B 365 -17.08 -26.11 -11.31
C VAL B 365 -18.32 -25.28 -10.99
N TRP B 366 -18.70 -24.41 -11.90
CA TRP B 366 -19.84 -23.46 -11.73
C TRP B 366 -20.85 -23.83 -12.81
N ARG B 367 -22.13 -23.64 -12.53
CA ARG B 367 -23.23 -23.88 -13.51
C ARG B 367 -24.05 -22.61 -13.64
N ALA B 368 -24.09 -22.04 -14.85
CA ALA B 368 -24.99 -20.94 -15.24
C ALA B 368 -26.38 -21.53 -15.56
N ILE B 369 -27.41 -21.03 -14.89
CA ILE B 369 -28.84 -21.42 -15.04
C ILE B 369 -29.64 -20.18 -15.50
N SER B 370 -30.40 -20.27 -16.59
CA SER B 370 -31.41 -19.24 -16.97
C SER B 370 -32.69 -19.44 -16.14
N MET B 371 -33.06 -18.43 -15.37
CA MET B 371 -34.11 -18.53 -14.33
C MET B 371 -35.49 -18.25 -14.95
N SER B 372 -35.52 -17.69 -16.17
CA SER B 372 -36.73 -17.57 -17.03
C SER B 372 -37.29 -18.97 -17.32
N SER B 373 -36.55 -19.77 -18.10
CA SER B 373 -36.88 -21.17 -18.50
C SER B 373 -37.30 -21.99 -17.27
N PRO B 374 -38.61 -22.10 -16.95
CA PRO B 374 -39.09 -22.38 -15.58
C PRO B 374 -38.54 -23.61 -14.82
N LEU B 375 -38.07 -24.64 -15.54
CA LEU B 375 -37.27 -25.79 -15.01
C LEU B 375 -35.97 -25.25 -14.39
N GLY B 376 -35.51 -24.08 -14.85
CA GLY B 376 -34.36 -23.31 -14.33
C GLY B 376 -34.31 -23.31 -12.82
N ALA B 377 -35.37 -22.83 -12.16
CA ALA B 377 -35.45 -22.74 -10.68
C ALA B 377 -35.29 -24.12 -10.05
N GLU B 378 -35.90 -25.16 -10.62
CA GLU B 378 -35.88 -26.53 -10.03
C GLU B 378 -34.44 -27.07 -10.12
N VAL B 379 -33.81 -26.96 -11.30
CA VAL B 379 -32.42 -27.42 -11.57
C VAL B 379 -31.49 -26.77 -10.54
N ALA B 380 -31.57 -25.45 -10.39
CA ALA B 380 -30.76 -24.65 -9.45
C ALA B 380 -30.75 -25.34 -8.08
N ALA B 381 -31.93 -25.60 -7.51
CA ALA B 381 -32.06 -26.21 -6.16
C ALA B 381 -31.51 -27.64 -6.18
N ALA B 382 -31.71 -28.36 -7.27
CA ALA B 382 -31.31 -29.77 -7.40
C ALA B 382 -29.78 -29.84 -7.41
N VAL B 383 -29.11 -28.97 -8.18
CA VAL B 383 -27.65 -29.12 -8.44
C VAL B 383 -26.81 -28.25 -7.49
N GLU B 384 -27.43 -27.49 -6.58
CA GLU B 384 -26.74 -26.53 -5.68
C GLU B 384 -25.61 -27.24 -4.92
N GLY B 385 -25.90 -28.43 -4.36
CA GLY B 385 -24.93 -29.22 -3.57
C GLY B 385 -23.80 -29.80 -4.40
N ASP B 386 -23.92 -29.82 -5.75
CA ASP B 386 -22.96 -30.45 -6.70
C ASP B 386 -22.04 -29.43 -7.38
N VAL B 387 -22.29 -28.13 -7.23
CA VAL B 387 -21.44 -27.06 -7.84
C VAL B 387 -20.83 -26.24 -6.71
N ASP B 388 -19.74 -25.54 -7.02
CA ASP B 388 -19.10 -24.58 -6.07
C ASP B 388 -19.83 -23.25 -6.12
N LYS B 389 -20.40 -22.87 -7.28
CA LYS B 389 -21.18 -21.61 -7.44
C LYS B 389 -22.25 -21.84 -8.50
N LEU B 390 -23.37 -21.14 -8.36
CA LEU B 390 -24.38 -20.97 -9.44
C LEU B 390 -24.27 -19.56 -9.99
N ILE B 391 -24.52 -19.44 -11.30
CA ILE B 391 -24.72 -18.12 -11.97
C ILE B 391 -26.20 -18.06 -12.37
N LEU B 392 -27.01 -17.32 -11.63
CA LEU B 392 -28.47 -17.21 -11.87
C LEU B 392 -28.76 -15.98 -12.73
N ASP B 393 -29.12 -16.19 -14.00
CA ASP B 393 -29.87 -15.24 -14.87
C ASP B 393 -31.36 -15.27 -14.50
N ASP B 404 -39.59 -13.40 -9.45
CA ASP B 404 -39.52 -14.36 -8.31
C ASP B 404 -38.60 -13.77 -7.24
N TRP B 405 -37.57 -14.52 -6.82
CA TRP B 405 -36.55 -14.13 -5.81
C TRP B 405 -37.20 -13.91 -4.44
N ALA B 406 -38.46 -14.36 -4.28
CA ALA B 406 -39.24 -14.29 -3.02
C ALA B 406 -39.00 -15.57 -2.22
N THR B 407 -39.09 -16.73 -2.89
CA THR B 407 -38.91 -18.09 -2.29
C THR B 407 -37.94 -18.91 -3.15
N VAL B 408 -36.86 -18.29 -3.64
CA VAL B 408 -35.59 -18.96 -4.05
C VAL B 408 -34.87 -19.33 -2.75
N PRO B 409 -34.57 -20.62 -2.47
CA PRO B 409 -34.00 -21.00 -1.17
C PRO B 409 -32.72 -20.25 -0.78
N ALA B 410 -32.51 -20.08 0.53
CA ALA B 410 -31.33 -19.42 1.16
C ALA B 410 -30.08 -20.23 0.85
N ALA B 411 -30.24 -21.55 0.70
CA ALA B 411 -29.19 -22.49 0.27
C ALA B 411 -28.65 -22.05 -1.09
N VAL B 412 -29.57 -21.77 -2.03
CA VAL B 412 -29.21 -21.42 -3.44
C VAL B 412 -28.58 -20.03 -3.46
N LYS B 413 -29.09 -19.10 -2.66
CA LYS B 413 -28.64 -17.68 -2.60
C LYS B 413 -27.18 -17.60 -2.14
N ALA B 414 -26.82 -18.26 -1.02
CA ALA B 414 -25.47 -18.29 -0.42
C ALA B 414 -24.40 -18.82 -1.39
N LYS B 415 -24.82 -19.47 -2.47
CA LYS B 415 -23.95 -20.24 -3.40
C LYS B 415 -24.03 -19.60 -4.80
N SER B 416 -24.70 -18.44 -4.91
CA SER B 416 -25.13 -17.86 -6.22
C SER B 416 -24.51 -16.49 -6.47
N LEU B 417 -24.07 -16.26 -7.72
CA LEU B 417 -23.91 -14.91 -8.30
C LEU B 417 -25.17 -14.60 -9.12
N LEU B 418 -25.79 -13.47 -8.82
CA LEU B 418 -26.95 -12.92 -9.56
C LEU B 418 -26.44 -12.22 -10.84
N ALA B 419 -26.90 -12.70 -11.99
CA ALA B 419 -26.56 -12.15 -13.32
C ALA B 419 -27.86 -11.63 -13.96
N GLY B 420 -27.74 -10.86 -15.03
CA GLY B 420 -28.89 -10.36 -15.81
C GLY B 420 -28.83 -8.87 -15.95
N GLY B 421 -27.97 -8.38 -16.85
CA GLY B 421 -27.73 -6.94 -17.08
C GLY B 421 -27.46 -6.19 -15.78
N ILE B 422 -26.71 -6.73 -14.82
CA ILE B 422 -26.37 -5.93 -13.61
C ILE B 422 -25.63 -4.68 -14.08
N SER B 423 -26.01 -3.49 -13.62
CA SER B 423 -25.45 -2.19 -14.05
C SER B 423 -25.23 -1.30 -12.84
N PRO B 424 -24.48 -0.18 -12.97
CA PRO B 424 -24.40 0.80 -11.89
C PRO B 424 -25.79 1.23 -11.40
N ASP B 425 -26.78 1.38 -12.30
CA ASP B 425 -28.13 1.92 -11.96
C ASP B 425 -28.97 0.90 -11.18
N ASN B 426 -28.81 -0.39 -11.39
CA ASN B 426 -29.71 -1.38 -10.73
C ASN B 426 -28.92 -2.21 -9.70
N ALA B 427 -27.65 -1.90 -9.42
CA ALA B 427 -26.76 -2.71 -8.53
C ALA B 427 -27.37 -2.84 -7.14
N ALA B 428 -27.81 -1.73 -6.53
CA ALA B 428 -28.37 -1.70 -5.16
C ALA B 428 -29.60 -2.64 -5.08
N GLN B 429 -30.47 -2.61 -6.09
CA GLN B 429 -31.68 -3.49 -6.18
C GLN B 429 -31.24 -4.95 -6.33
N ALA B 430 -30.26 -5.24 -7.20
CA ALA B 430 -29.64 -6.60 -7.33
C ALA B 430 -29.13 -7.07 -5.96
N LEU B 431 -28.35 -6.25 -5.24
CA LEU B 431 -27.77 -6.62 -3.92
C LEU B 431 -28.86 -6.94 -2.88
N ALA B 432 -29.97 -6.18 -2.87
CA ALA B 432 -31.15 -6.42 -2.02
C ALA B 432 -31.73 -7.84 -2.26
N VAL B 433 -31.50 -8.49 -3.39
CA VAL B 433 -32.03 -9.87 -3.62
C VAL B 433 -31.44 -10.81 -2.55
N GLY B 434 -30.17 -10.64 -2.18
CA GLY B 434 -29.54 -11.39 -1.08
C GLY B 434 -28.72 -12.58 -1.55
N CYS B 435 -28.24 -12.59 -2.80
CA CYS B 435 -27.28 -13.62 -3.30
C CYS B 435 -25.91 -13.26 -2.70
N ALA B 436 -25.00 -14.23 -2.64
CA ALA B 436 -23.62 -14.01 -2.16
C ALA B 436 -22.97 -12.92 -3.02
N GLY B 437 -23.18 -12.93 -4.33
CA GLY B 437 -22.40 -12.09 -5.24
C GLY B 437 -23.16 -11.63 -6.46
N LEU B 438 -22.51 -10.80 -7.26
CA LEU B 438 -23.02 -10.26 -8.55
C LEU B 438 -22.11 -10.73 -9.68
N ASP B 439 -22.73 -11.06 -10.81
CA ASP B 439 -22.01 -11.40 -12.06
C ASP B 439 -22.29 -10.23 -13.01
N ILE B 440 -21.23 -9.49 -13.35
CA ILE B 440 -21.27 -8.15 -14.01
C ILE B 440 -20.57 -8.29 -15.37
N ASN B 441 -21.22 -7.86 -16.46
CA ASN B 441 -20.71 -8.06 -17.83
C ASN B 441 -21.07 -6.86 -18.73
N SER B 442 -22.20 -6.91 -19.42
CA SER B 442 -22.56 -5.91 -20.46
C SER B 442 -22.95 -4.60 -19.77
N GLY B 443 -23.44 -4.63 -18.54
CA GLY B 443 -23.88 -3.41 -17.84
C GLY B 443 -22.73 -2.48 -17.47
N VAL B 444 -21.48 -2.92 -17.62
CA VAL B 444 -20.27 -2.05 -17.40
C VAL B 444 -19.46 -2.00 -18.70
N GLU B 445 -20.09 -2.28 -19.84
CA GLU B 445 -19.43 -2.15 -21.16
C GLU B 445 -19.83 -0.81 -21.77
N TYR B 446 -18.96 -0.23 -22.59
CA TYR B 446 -19.31 0.95 -23.41
C TYR B 446 -20.40 0.56 -24.41
N PRO B 447 -21.42 1.41 -24.65
CA PRO B 447 -22.48 1.10 -25.62
C PRO B 447 -22.02 1.27 -27.09
N ALA B 448 -22.87 0.87 -28.03
CA ALA B 448 -22.60 0.75 -29.48
C ALA B 448 -22.04 2.05 -30.08
N GLY B 449 -22.41 3.24 -29.60
CA GLY B 449 -21.89 4.53 -30.14
C GLY B 449 -20.48 4.91 -29.68
N ALA B 450 -19.75 4.04 -28.97
CA ALA B 450 -18.43 4.38 -28.40
C ALA B 450 -17.29 4.15 -29.41
N GLY B 451 -17.58 3.91 -30.69
CA GLY B 451 -16.52 3.78 -31.72
C GLY B 451 -15.68 2.56 -31.44
N THR B 452 -14.34 2.67 -31.43
CA THR B 452 -13.45 1.49 -31.20
C THR B 452 -13.62 0.94 -29.78
N TRP B 453 -14.27 1.69 -28.86
CA TRP B 453 -14.43 1.27 -27.44
C TRP B 453 -15.73 0.50 -27.23
N ALA B 454 -16.57 0.36 -28.27
CA ALA B 454 -17.90 -0.28 -28.15
C ALA B 454 -17.69 -1.69 -27.61
N GLY B 455 -18.29 -2.03 -26.47
CA GLY B 455 -18.22 -3.41 -25.95
C GLY B 455 -16.99 -3.70 -25.07
N ALA B 456 -15.99 -2.82 -25.03
CA ALA B 456 -14.92 -2.93 -24.02
C ALA B 456 -15.48 -2.55 -22.64
N LYS B 457 -14.75 -2.91 -21.61
CA LYS B 457 -15.13 -2.59 -20.21
C LYS B 457 -14.92 -1.10 -19.97
N ASP B 458 -15.95 -0.46 -19.42
CA ASP B 458 -15.93 0.98 -19.07
C ASP B 458 -15.37 1.11 -17.65
N ALA B 459 -14.13 1.57 -17.52
CA ALA B 459 -13.46 1.74 -16.21
C ALA B 459 -14.30 2.64 -15.29
N GLY B 460 -14.94 3.69 -15.82
CA GLY B 460 -15.78 4.59 -15.00
C GLY B 460 -17.03 3.90 -14.45
N ALA B 461 -17.62 2.99 -15.21
CA ALA B 461 -18.78 2.19 -14.74
C ALA B 461 -18.30 1.21 -13.65
N LEU B 462 -17.08 0.68 -13.74
CA LEU B 462 -16.52 -0.25 -12.69
C LEU B 462 -16.29 0.50 -11.37
N LEU B 463 -15.67 1.68 -11.39
CA LEU B 463 -15.57 2.54 -10.18
C LEU B 463 -16.97 2.70 -9.55
N LYS B 464 -17.99 3.03 -10.35
CA LYS B 464 -19.32 3.42 -9.79
C LYS B 464 -19.96 2.16 -9.18
N ILE B 465 -20.02 1.06 -9.92
CA ILE B 465 -20.77 -0.11 -9.37
C ILE B 465 -20.08 -0.60 -8.08
N PHE B 466 -18.74 -0.61 -8.03
CA PHE B 466 -18.01 -1.14 -6.85
C PHE B 466 -18.12 -0.19 -5.66
N ALA B 467 -18.14 1.13 -5.87
CA ALA B 467 -18.46 2.11 -4.80
C ALA B 467 -19.82 1.78 -4.16
N THR B 468 -20.84 1.45 -4.95
CA THR B 468 -22.18 1.06 -4.45
C THR B 468 -22.08 -0.23 -3.64
N ILE B 469 -21.42 -1.26 -4.16
CA ILE B 469 -21.23 -2.54 -3.41
C ILE B 469 -20.56 -2.27 -2.05
N SER B 470 -19.57 -1.36 -2.01
CA SER B 470 -18.60 -1.20 -0.89
C SER B 470 -19.32 -0.88 0.43
N THR B 471 -20.46 -0.19 0.36
CA THR B 471 -21.20 0.29 1.56
C THR B 471 -22.66 -0.21 1.58
N PHE B 472 -23.05 -1.12 0.70
CA PHE B 472 -24.41 -1.68 0.73
C PHE B 472 -24.62 -2.49 2.02
N HIS B 473 -25.72 -2.18 2.71
CA HIS B 473 -26.30 -2.96 3.83
C HIS B 473 -27.80 -3.15 3.60
N TYR B 474 -28.40 -4.16 4.21
CA TYR B 474 -29.88 -4.37 4.19
C TYR B 474 -30.60 -3.35 5.05
N LEU B 475 -31.78 -2.91 4.60
CA LEU B 475 -32.83 -2.20 5.39
C LEU B 475 -34.03 -3.13 5.58
#